data_7Q15
#
_entry.id   7Q15
#
_cell.length_a   86.429
_cell.length_b   53.107
_cell.length_c   195.745
_cell.angle_alpha   90
_cell.angle_beta   92.18
_cell.angle_gamma   90
#
_symmetry.space_group_name_H-M   'P 1 21 1'
#
loop_
_entity.id
_entity.type
_entity.pdbx_description
1 polymer 'IgG receptor FcRn large subunit p51'
2 polymer Beta-2-microglobulin
3 polymer IgG1-Fc-MST-HN
4 branched beta-D-galactopyranose-(1-4)-2-acetamido-2-deoxy-beta-D-glucopyranose-(1-2)-alpha-D-mannopyranose-(1-6)-[2-acetamido-2-deoxy-beta-D-glucopyranose-(1-2)-alpha-D-mannopyranose-(1-3)]beta-D-mannopyranose-(1-4)-2-acetamido-2-deoxy-beta-D-glucopyranose-(1-4)-[alpha-L-fucopyranose-(1-6)]2-acetamido-2-deoxy-beta-D-glucopyranose
5 branched beta-D-galactopyranose-(1-4)-2-acetamido-2-deoxy-beta-D-glucopyranose-(1-2)-alpha-D-mannopyranose-(1-3)-[alpha-D-mannopyranose-(1-6)]beta-D-mannopyranose-(1-4)-2-acetamido-2-deoxy-beta-D-glucopyranose-(1-4)-[alpha-L-fucopyranose-(1-6)]2-acetamido-2-deoxy-beta-D-glucopyranose
#
loop_
_entity_poly.entity_id
_entity_poly.type
_entity_poly.pdbx_seq_one_letter_code
_entity_poly.pdbx_strand_id
1 'polypeptide(L)'
;MGVPRPQPWALGLLLFLLPGSLGAESHLSLLYHLTAVSSPAPGTPAFWVSGWLGPQQYLSYNSLRGEAEPCGAWVWENQV
SWYWEKETTDLRIKEKLFLEAFKALGGKGPYTLQGLLGCELGPDNTSVPTAKFALNGEEFMNFDLKQGTWGGDWPEALAI
SQRWQQQDKAANKELTFLLFSCPHRLREHLERGRGNLEWKEPPSMRLKARPSSPGFSVLTCSAFSFYPPELQLRFLRNGL
AAGTGQGDFGPNSDGSFHASSSLTVKSGDEHHYCCIVQHAGLAQPLRVELESPAKSSGTSGLVPRGSGGSGGSGLNDIFE
AQKIEWHEGRTKHHHHHH
;
A,C
2 'polypeptide(L)'
;MSRSVALAVLALLSLSGLEAIQRTPKIQVYSRHPAENGKSNFLNCYVSGFHPSDIEVDLLKNGERIEKVEHSDLSFSKDW
SFYLLYYTEFTPTEKDEYACRVNHVTLSQPKIVKWDRDM
;
B,D
3 'polypeptide(L)'
;DKTHTCPPCPAPELLGGPSVFLFPPKPKDTLYITREPEVTCVVVDVSHEDPEVKFNWYVDGVEVHNAKTKPREEQYNSTY
RVVSVLTVLHQDWLNGKEYKCKVSNKALPAPIEKTISKAKGQPREPQVYTLPPSRDELTKNQVSLTCLVKGFYPSDIAVE
WESNGQPENNYKTTPPVLDSDGSFFLYSKLTVDKSRWQQGNVFSCSVMHEALKFHYTQKSLSLSP
;
E,F
#
# COMPACT_ATOMS: atom_id res chain seq x y z
N GLU A 25 -54.38 24.40 -4.67
CA GLU A 25 -53.84 24.01 -3.36
C GLU A 25 -54.93 23.47 -2.42
N SER A 26 -55.21 22.15 -2.49
CA SER A 26 -56.24 21.50 -1.67
C SER A 26 -55.68 20.60 -0.55
N HIS A 27 -54.38 20.72 -0.23
CA HIS A 27 -53.75 19.91 0.81
C HIS A 27 -53.08 20.78 1.89
N LEU A 28 -53.58 20.71 3.13
CA LEU A 28 -53.01 21.45 4.27
C LEU A 28 -52.41 20.52 5.31
N SER A 29 -51.22 20.86 5.80
CA SER A 29 -50.50 20.01 6.72
C SER A 29 -50.46 20.49 8.14
N LEU A 30 -50.51 19.56 9.10
CA LEU A 30 -50.34 19.89 10.52
C LEU A 30 -48.93 19.38 10.83
N LEU A 31 -47.97 20.28 11.11
CA LEU A 31 -46.58 19.85 11.35
C LEU A 31 -45.98 20.47 12.59
N TYR A 32 -45.27 19.66 13.36
CA TYR A 32 -44.59 20.12 14.56
C TYR A 32 -43.10 20.17 14.26
N HIS A 33 -42.46 21.29 14.60
CA HIS A 33 -41.02 21.45 14.40
C HIS A 33 -40.36 21.41 15.76
N LEU A 34 -39.76 20.28 16.10
CA LEU A 34 -39.15 20.07 17.40
C LEU A 34 -37.64 20.23 17.33
N THR A 35 -37.04 20.90 18.32
CA THR A 35 -35.59 21.03 18.40
C THR A 35 -35.12 20.88 19.83
N ALA A 36 -34.04 20.15 20.02
CA ALA A 36 -33.39 20.03 21.30
C ALA A 36 -31.91 20.29 21.08
N VAL A 37 -31.27 21.00 22.01
CA VAL A 37 -29.83 21.27 21.94
C VAL A 37 -29.20 20.72 23.22
N SER A 38 -28.01 20.12 23.14
CA SER A 38 -27.34 19.55 24.30
C SER A 38 -26.74 20.62 25.23
N SER A 39 -26.34 21.76 24.66
CA SER A 39 -25.79 22.85 25.46
C SER A 39 -26.43 24.16 25.05
N PRO A 40 -27.63 24.45 25.56
CA PRO A 40 -28.30 25.71 25.19
C PRO A 40 -27.58 26.91 25.78
N ALA A 41 -27.60 28.03 25.05
CA ALA A 41 -27.01 29.28 25.53
C ALA A 41 -27.77 29.74 26.78
N PRO A 42 -27.09 30.35 27.76
CA PRO A 42 -27.76 30.71 29.02
C PRO A 42 -29.05 31.50 28.85
N GLY A 43 -30.10 31.04 29.54
CA GLY A 43 -31.42 31.67 29.43
C GLY A 43 -32.25 31.23 28.22
N THR A 44 -31.69 30.34 27.36
CA THR A 44 -32.42 29.84 26.19
C THR A 44 -32.86 28.39 26.47
N PRO A 45 -34.01 27.96 25.92
CA PRO A 45 -34.49 26.60 26.22
C PRO A 45 -33.67 25.49 25.60
N ALA A 46 -33.57 24.38 26.33
CA ALA A 46 -32.90 23.20 25.81
C ALA A 46 -33.79 22.49 24.78
N PHE A 47 -35.12 22.70 24.81
CA PHE A 47 -36.03 22.07 23.88
C PHE A 47 -37.17 23.02 23.58
N TRP A 48 -37.57 23.11 22.32
CA TRP A 48 -38.67 23.99 21.93
C TRP A 48 -39.37 23.48 20.68
N VAL A 49 -40.65 23.82 20.55
CA VAL A 49 -41.49 23.37 19.45
C VAL A 49 -42.33 24.50 18.90
N SER A 50 -42.64 24.42 17.60
CA SER A 50 -43.59 25.29 16.93
C SER A 50 -44.52 24.39 16.11
N GLY A 51 -45.82 24.62 16.22
CA GLY A 51 -46.83 23.83 15.51
C GLY A 51 -47.42 24.65 14.39
N TRP A 52 -47.61 24.05 13.22
CA TRP A 52 -48.07 24.76 12.04
C TRP A 52 -49.28 24.12 11.40
N LEU A 53 -50.28 24.94 11.05
CA LEU A 53 -51.46 24.52 10.33
C LEU A 53 -51.30 25.20 8.99
N GLY A 54 -50.76 24.48 8.03
CA GLY A 54 -50.41 25.05 6.74
C GLY A 54 -49.26 26.02 6.93
N PRO A 55 -49.43 27.23 6.40
CA PRO A 55 -48.39 28.25 6.57
C PRO A 55 -48.53 29.15 7.81
N GLN A 56 -49.48 28.85 8.71
CA GLN A 56 -49.70 29.65 9.90
C GLN A 56 -49.20 28.89 11.13
N GLN A 57 -48.51 29.56 12.05
CA GLN A 57 -48.08 28.90 13.29
C GLN A 57 -49.23 29.00 14.27
N TYR A 58 -49.65 27.87 14.84
CA TYR A 58 -50.74 27.87 15.82
C TYR A 58 -50.26 27.54 17.22
N LEU A 59 -49.09 26.90 17.38
CA LEU A 59 -48.63 26.46 18.68
C LEU A 59 -47.19 26.84 18.95
N SER A 60 -46.89 27.12 20.20
CA SER A 60 -45.54 27.38 20.66
C SER A 60 -45.32 26.61 21.95
N TYR A 61 -44.12 26.08 22.16
CA TYR A 61 -43.78 25.36 23.38
C TYR A 61 -42.28 25.44 23.61
N ASN A 62 -41.85 25.61 24.84
CA ASN A 62 -40.43 25.54 25.18
C ASN A 62 -40.26 24.94 26.57
N SER A 63 -39.13 24.28 26.82
CA SER A 63 -38.85 23.62 28.08
C SER A 63 -38.71 24.59 29.26
N LEU A 64 -38.49 25.90 29.00
CA LEU A 64 -38.36 26.86 30.09
C LEU A 64 -39.73 27.20 30.65
N ARG A 65 -40.71 27.41 29.77
CA ARG A 65 -42.08 27.71 30.19
C ARG A 65 -42.82 26.42 30.55
N GLY A 66 -42.60 25.38 29.76
CA GLY A 66 -43.19 24.06 30.00
C GLY A 66 -44.67 23.96 29.69
N GLU A 67 -45.21 24.92 28.93
CA GLU A 67 -46.62 24.88 28.57
C GLU A 67 -46.83 25.22 27.10
N ALA A 68 -47.68 24.44 26.43
CA ALA A 68 -48.01 24.68 25.03
C ALA A 68 -49.01 25.84 24.98
N GLU A 69 -48.74 26.82 24.12
CA GLU A 69 -49.57 28.02 24.02
C GLU A 69 -49.97 28.30 22.58
N PRO A 70 -51.15 28.89 22.37
CA PRO A 70 -51.54 29.27 21.01
C PRO A 70 -50.74 30.47 20.47
N CYS A 71 -50.71 30.62 19.15
CA CYS A 71 -50.00 31.70 18.48
C CYS A 71 -50.93 32.46 17.56
N GLY A 72 -50.66 33.75 17.42
CA GLY A 72 -51.41 34.64 16.54
C GLY A 72 -52.91 34.58 16.71
N ALA A 73 -53.63 34.39 15.59
CA ALA A 73 -55.08 34.33 15.58
C ALA A 73 -55.65 33.21 16.44
N TRP A 74 -54.89 32.13 16.61
CA TRP A 74 -55.33 30.96 17.38
C TRP A 74 -55.51 31.25 18.89
N VAL A 75 -54.89 32.34 19.38
CA VAL A 75 -55.06 32.81 20.75
C VAL A 75 -56.53 33.23 20.98
N TRP A 76 -57.16 33.80 19.96
CA TRP A 76 -58.54 34.28 20.06
C TRP A 76 -59.60 33.26 19.64
N GLU A 77 -59.18 32.12 19.06
CA GLU A 77 -60.11 31.10 18.62
C GLU A 77 -60.52 30.24 19.80
N ASN A 78 -61.83 30.07 20.00
CA ASN A 78 -62.31 29.26 21.10
C ASN A 78 -62.18 27.78 20.77
N GLN A 79 -61.33 27.08 21.52
CA GLN A 79 -61.05 25.67 21.32
C GLN A 79 -61.70 24.79 22.38
N VAL A 80 -61.83 23.48 22.09
CA VAL A 80 -62.47 22.51 22.98
C VAL A 80 -61.89 22.51 24.38
N SER A 81 -62.69 22.08 25.36
CA SER A 81 -62.24 22.03 26.75
C SER A 81 -61.15 20.96 26.87
N TRP A 82 -60.00 21.37 27.41
CA TRP A 82 -58.79 20.58 27.62
C TRP A 82 -57.86 20.52 26.43
N TYR A 83 -58.12 21.29 25.35
CA TYR A 83 -57.25 21.25 24.18
C TYR A 83 -55.77 21.51 24.48
N TRP A 84 -55.46 22.64 25.11
CA TRP A 84 -54.09 23.05 25.34
C TRP A 84 -53.39 22.27 26.44
N GLU A 85 -54.14 21.74 27.38
CA GLU A 85 -53.57 20.92 28.44
C GLU A 85 -53.10 19.59 27.85
N LYS A 86 -53.86 19.01 26.91
CA LYS A 86 -53.51 17.76 26.26
C LYS A 86 -52.28 17.94 25.37
N GLU A 87 -52.19 19.07 24.65
CA GLU A 87 -51.02 19.36 23.85
C GLU A 87 -49.79 19.51 24.74
N THR A 88 -49.95 20.19 25.90
CA THR A 88 -48.87 20.35 26.88
C THR A 88 -48.40 18.99 27.38
N THR A 89 -49.34 18.10 27.74
CA THR A 89 -49.02 16.77 28.21
C THR A 89 -48.19 15.99 27.19
N ASP A 90 -48.60 16.04 25.92
CA ASP A 90 -47.89 15.33 24.85
C ASP A 90 -46.51 15.91 24.53
N LEU A 91 -46.39 17.23 24.57
CA LEU A 91 -45.12 17.89 24.28
C LEU A 91 -44.10 17.72 25.40
N ARG A 92 -44.57 17.65 26.66
CA ARG A 92 -43.69 17.40 27.79
C ARG A 92 -43.10 16.00 27.70
N ILE A 93 -43.87 15.02 27.20
CA ILE A 93 -43.35 13.67 27.06
C ILE A 93 -42.33 13.62 25.91
N LYS A 94 -42.55 14.40 24.83
CA LYS A 94 -41.56 14.47 23.73
C LYS A 94 -40.31 15.18 24.18
N GLU A 95 -40.43 16.19 25.07
CA GLU A 95 -39.29 16.88 25.66
C GLU A 95 -38.38 15.87 26.37
N LYS A 96 -38.96 14.97 27.16
CA LYS A 96 -38.19 13.96 27.87
C LYS A 96 -37.47 13.03 26.89
N LEU A 97 -38.12 12.65 25.77
CA LEU A 97 -37.53 11.79 24.75
C LEU A 97 -36.35 12.43 24.07
N PHE A 98 -36.51 13.68 23.63
CA PHE A 98 -35.44 14.38 22.94
C PHE A 98 -34.23 14.56 23.81
N LEU A 99 -34.46 14.89 25.09
CA LEU A 99 -33.36 15.03 26.03
C LEU A 99 -32.71 13.67 26.34
N GLU A 100 -33.50 12.58 26.30
CA GLU A 100 -33.00 11.23 26.51
C GLU A 100 -32.10 10.81 25.34
N ALA A 101 -32.34 11.33 24.13
CA ALA A 101 -31.53 10.98 22.97
C ALA A 101 -30.07 11.36 23.15
N PHE A 102 -29.80 12.50 23.80
CA PHE A 102 -28.42 12.93 24.04
C PHE A 102 -27.70 11.98 24.99
N LYS A 103 -28.42 11.40 25.97
CA LYS A 103 -27.82 10.43 26.89
C LYS A 103 -27.42 9.16 26.15
N ALA A 104 -28.18 8.78 25.11
CA ALA A 104 -27.86 7.61 24.30
C ALA A 104 -26.60 7.82 23.48
N LEU A 105 -26.35 9.06 23.02
CA LEU A 105 -25.15 9.36 22.24
C LEU A 105 -23.92 9.40 23.12
N GLY A 106 -24.06 10.02 24.30
CA GLY A 106 -23.00 10.15 25.30
C GLY A 106 -21.70 10.77 24.84
N GLY A 107 -21.72 12.08 24.60
CA GLY A 107 -20.53 12.78 24.16
C GLY A 107 -20.43 14.17 24.76
N LYS A 108 -19.21 14.63 24.99
CA LYS A 108 -18.99 15.96 25.57
C LYS A 108 -19.39 17.08 24.58
N GLY A 109 -19.13 16.85 23.29
CA GLY A 109 -19.44 17.78 22.20
C GLY A 109 -20.92 18.12 22.12
N PRO A 110 -21.24 19.25 21.50
CA PRO A 110 -22.66 19.65 21.42
C PRO A 110 -23.45 18.96 20.32
N TYR A 111 -24.73 18.74 20.58
CA TYR A 111 -25.62 18.11 19.63
C TYR A 111 -26.85 18.96 19.43
N THR A 112 -27.47 18.86 18.25
CA THR A 112 -28.75 19.48 17.96
C THR A 112 -29.61 18.39 17.36
N LEU A 113 -30.75 18.06 17.99
CA LEU A 113 -31.64 17.05 17.46
C LEU A 113 -32.93 17.73 17.00
N GLN A 114 -33.33 17.50 15.75
CA GLN A 114 -34.56 18.09 15.22
C GLN A 114 -35.51 17.00 14.78
N GLY A 115 -36.79 17.30 14.88
CA GLY A 115 -37.83 16.37 14.45
C GLY A 115 -38.92 17.10 13.72
N LEU A 116 -39.46 16.48 12.69
CA LEU A 116 -40.56 17.04 11.94
C LEU A 116 -41.62 15.99 11.94
N LEU A 117 -42.66 16.17 12.77
CA LEU A 117 -43.73 15.20 12.92
C LEU A 117 -45.05 15.81 12.55
N GLY A 118 -45.86 15.08 11.79
CA GLY A 118 -47.17 15.56 11.41
C GLY A 118 -47.83 14.75 10.34
N CYS A 119 -48.84 15.33 9.71
CA CYS A 119 -49.56 14.66 8.63
C CYS A 119 -50.14 15.68 7.67
N GLU A 120 -50.38 15.24 6.44
CA GLU A 120 -50.93 16.11 5.42
C GLU A 120 -52.13 15.42 4.84
N LEU A 121 -53.24 16.14 4.78
CA LEU A 121 -54.48 15.59 4.25
C LEU A 121 -54.69 16.09 2.84
N GLY A 122 -54.80 15.18 1.89
CA GLY A 122 -55.02 15.54 0.49
C GLY A 122 -56.47 15.82 0.16
N PRO A 123 -56.83 15.77 -1.13
CA PRO A 123 -58.24 16.01 -1.51
C PRO A 123 -59.18 14.93 -0.96
N ASP A 124 -58.69 13.70 -0.86
CA ASP A 124 -59.44 12.56 -0.33
C ASP A 124 -59.14 12.35 1.19
N ASN A 125 -59.54 11.22 1.75
CA ASN A 125 -59.37 10.96 3.16
C ASN A 125 -57.92 10.58 3.45
N THR A 126 -57.14 10.34 2.40
CA THR A 126 -55.76 9.89 2.52
C THR A 126 -54.85 10.85 3.30
N SER A 127 -54.50 10.45 4.54
CA SER A 127 -53.55 11.19 5.36
C SER A 127 -52.15 10.64 5.08
N VAL A 128 -51.19 11.53 4.89
CA VAL A 128 -49.81 11.15 4.62
C VAL A 128 -48.98 11.58 5.81
N PRO A 129 -48.45 10.63 6.58
CA PRO A 129 -47.67 11.01 7.77
C PRO A 129 -46.25 11.43 7.43
N THR A 130 -45.66 12.25 8.29
CA THR A 130 -44.29 12.73 8.18
C THR A 130 -43.64 12.51 9.54
N ALA A 131 -42.51 11.82 9.57
CA ALA A 131 -41.81 11.57 10.81
C ALA A 131 -40.34 11.43 10.51
N LYS A 132 -39.65 12.56 10.43
CA LYS A 132 -38.23 12.60 10.10
C LYS A 132 -37.45 13.30 11.20
N PHE A 133 -36.17 12.94 11.34
CA PHE A 133 -35.29 13.52 12.34
C PHE A 133 -33.92 13.83 11.77
N ALA A 134 -33.24 14.82 12.34
CA ALA A 134 -31.92 15.23 11.91
C ALA A 134 -31.02 15.47 13.10
N LEU A 135 -29.74 15.17 12.95
CA LEU A 135 -28.76 15.38 14.01
C LEU A 135 -27.69 16.29 13.47
N ASN A 136 -27.46 17.40 14.15
CA ASN A 136 -26.48 18.40 13.74
C ASN A 136 -26.73 18.91 12.32
N GLY A 137 -28.01 19.09 11.97
CA GLY A 137 -28.41 19.61 10.68
C GLY A 137 -28.49 18.62 9.55
N GLU A 138 -28.24 17.33 9.81
CA GLU A 138 -28.29 16.32 8.76
C GLU A 138 -29.33 15.24 9.06
N GLU A 139 -30.24 14.99 8.10
CA GLU A 139 -31.30 13.99 8.27
C GLU A 139 -30.70 12.63 8.43
N PHE A 140 -31.22 11.84 9.40
CA PHE A 140 -30.67 10.52 9.61
C PHE A 140 -31.63 9.47 10.13
N MET A 141 -32.69 9.89 10.80
CA MET A 141 -33.63 8.94 11.37
C MET A 141 -35.04 9.24 10.91
N ASN A 142 -35.88 8.23 10.93
CA ASN A 142 -37.28 8.37 10.60
C ASN A 142 -38.06 7.35 11.42
N PHE A 143 -39.35 7.60 11.60
CA PHE A 143 -40.19 6.61 12.27
C PHE A 143 -40.83 5.79 11.17
N ASP A 144 -40.56 4.48 11.18
CA ASP A 144 -41.07 3.53 10.20
C ASP A 144 -42.44 3.09 10.67
N LEU A 145 -43.48 3.51 9.96
CA LEU A 145 -44.85 3.18 10.35
C LEU A 145 -45.25 1.73 10.06
N LYS A 146 -44.50 1.04 9.17
CA LYS A 146 -44.79 -0.36 8.86
C LYS A 146 -44.32 -1.25 10.02
N GLN A 147 -43.14 -0.97 10.55
CA GLN A 147 -42.61 -1.75 11.67
C GLN A 147 -43.00 -1.17 13.04
N GLY A 148 -43.32 0.12 13.09
CA GLY A 148 -43.64 0.79 14.34
C GLY A 148 -42.40 1.06 15.18
N THR A 149 -41.28 1.37 14.51
CA THR A 149 -40.00 1.62 15.18
C THR A 149 -39.25 2.76 14.53
N TRP A 150 -38.33 3.40 15.25
CA TRP A 150 -37.48 4.42 14.66
C TRP A 150 -36.31 3.69 13.97
N GLY A 151 -36.00 4.09 12.75
CA GLY A 151 -34.93 3.45 11.98
C GLY A 151 -34.12 4.44 11.18
N GLY A 152 -33.00 3.97 10.67
CA GLY A 152 -32.11 4.81 9.89
C GLY A 152 -30.91 4.04 9.37
N ASP A 153 -30.02 4.73 8.69
CA ASP A 153 -28.81 4.10 8.16
C ASP A 153 -27.57 4.48 8.98
N TRP A 154 -27.72 5.16 10.15
CA TRP A 154 -26.57 5.62 10.91
C TRP A 154 -26.45 5.02 12.31
N PRO A 155 -25.22 4.93 12.85
CA PRO A 155 -25.06 4.40 14.22
C PRO A 155 -25.77 5.24 15.29
N GLU A 156 -25.93 6.54 15.04
CA GLU A 156 -26.67 7.41 15.96
C GLU A 156 -28.15 7.04 15.95
N ALA A 157 -28.68 6.60 14.80
CA ALA A 157 -30.08 6.18 14.70
C ALA A 157 -30.27 4.89 15.48
N LEU A 158 -29.31 3.95 15.43
CA LEU A 158 -29.40 2.70 16.18
C LEU A 158 -29.41 3.00 17.68
N ALA A 159 -28.49 3.86 18.13
CA ALA A 159 -28.38 4.21 19.54
C ALA A 159 -29.63 4.89 20.08
N ILE A 160 -30.12 5.94 19.42
CA ILE A 160 -31.29 6.67 19.87
C ILE A 160 -32.56 5.82 19.76
N SER A 161 -32.77 5.15 18.62
CA SER A 161 -33.96 4.30 18.42
C SER A 161 -34.08 3.22 19.47
N GLN A 162 -32.95 2.64 19.90
CA GLN A 162 -32.96 1.62 20.95
C GLN A 162 -33.38 2.23 22.29
N ARG A 163 -32.81 3.38 22.65
CA ARG A 163 -33.16 4.03 23.92
C ARG A 163 -34.64 4.41 23.94
N TRP A 164 -35.15 4.92 22.82
CA TRP A 164 -36.56 5.29 22.70
C TRP A 164 -37.48 4.08 22.73
N GLN A 165 -37.04 2.98 22.13
CA GLN A 165 -37.82 1.74 22.13
C GLN A 165 -38.00 1.20 23.55
N GLN A 166 -37.03 1.42 24.44
CA GLN A 166 -37.12 0.96 25.83
C GLN A 166 -37.99 1.86 26.72
N GLN A 167 -38.46 3.01 26.22
CA GLN A 167 -39.29 3.90 27.03
C GLN A 167 -40.71 3.42 26.93
N ASP A 168 -41.35 3.14 28.08
CA ASP A 168 -42.71 2.63 28.16
C ASP A 168 -43.72 3.36 27.27
N LYS A 169 -44.32 2.60 26.31
CA LYS A 169 -45.34 3.05 25.37
C LYS A 169 -44.92 4.19 24.43
N ALA A 170 -43.62 4.49 24.32
CA ALA A 170 -43.16 5.58 23.46
C ALA A 170 -43.48 5.30 22.00
N ALA A 171 -43.16 4.09 21.51
CA ALA A 171 -43.44 3.73 20.12
C ALA A 171 -44.94 3.69 19.86
N ASN A 172 -45.71 3.16 20.81
CA ASN A 172 -47.17 3.07 20.68
C ASN A 172 -47.76 4.46 20.58
N LYS A 173 -47.30 5.39 21.41
CA LYS A 173 -47.80 6.77 21.39
C LYS A 173 -47.37 7.49 20.12
N GLU A 174 -46.15 7.21 19.62
CA GLU A 174 -45.67 7.83 18.40
C GLU A 174 -46.50 7.40 17.21
N LEU A 175 -46.80 6.10 17.12
CA LEU A 175 -47.57 5.59 16.00
C LEU A 175 -49.00 6.10 16.02
N THR A 176 -49.63 6.09 17.20
CA THR A 176 -50.99 6.60 17.32
C THR A 176 -51.05 8.09 17.03
N PHE A 177 -50.01 8.85 17.43
CA PHE A 177 -49.93 10.29 17.15
C PHE A 177 -49.98 10.57 15.66
N LEU A 178 -49.25 9.79 14.86
CA LEU A 178 -49.19 10.03 13.42
C LEU A 178 -50.38 9.48 12.66
N LEU A 179 -50.81 8.26 12.99
CA LEU A 179 -51.87 7.58 12.27
C LEU A 179 -53.29 7.93 12.67
N PHE A 180 -53.49 8.36 13.93
CA PHE A 180 -54.84 8.62 14.41
C PHE A 180 -55.04 10.01 15.00
N SER A 181 -54.16 10.42 15.92
CA SER A 181 -54.29 11.72 16.58
C SER A 181 -54.12 12.89 15.61
N CYS A 182 -53.07 12.86 14.77
N CYS A 182 -53.07 12.85 14.78
CA CYS A 182 -52.81 13.90 13.80
CA CYS A 182 -52.82 13.91 13.82
C CYS A 182 -53.96 14.12 12.81
C CYS A 182 -53.96 14.11 12.82
N PRO A 183 -54.46 13.08 12.09
CA PRO A 183 -55.58 13.34 11.15
C PRO A 183 -56.85 13.77 11.84
N HIS A 184 -57.14 13.25 13.04
CA HIS A 184 -58.33 13.65 13.79
C HIS A 184 -58.24 15.12 14.22
N ARG A 185 -57.07 15.55 14.70
CA ARG A 185 -56.81 16.94 15.13
C ARG A 185 -56.90 17.86 13.92
N LEU A 186 -56.28 17.46 12.80
CA LEU A 186 -56.26 18.22 11.55
C LEU A 186 -57.66 18.37 10.98
N ARG A 187 -58.45 17.29 10.97
CA ARG A 187 -59.82 17.34 10.46
C ARG A 187 -60.69 18.23 11.34
N GLU A 188 -60.49 18.18 12.66
CA GLU A 188 -61.23 19.01 13.60
C GLU A 188 -60.97 20.51 13.36
N HIS A 189 -59.70 20.90 13.16
CA HIS A 189 -59.33 22.30 12.92
C HIS A 189 -59.82 22.77 11.54
N LEU A 190 -59.84 21.87 10.56
CA LEU A 190 -60.34 22.19 9.23
C LEU A 190 -61.86 22.44 9.25
N GLU A 191 -62.58 21.73 10.12
CA GLU A 191 -64.03 21.88 10.23
C GLU A 191 -64.42 23.06 11.12
N ARG A 192 -63.80 23.18 12.30
CA ARG A 192 -64.09 24.24 13.26
C ARG A 192 -63.69 25.64 12.79
N ARG A 194 -63.41 26.80 9.22
CA ARG A 194 -62.01 27.04 8.86
C ARG A 194 -61.75 28.53 8.60
N GLY A 195 -62.38 29.39 9.40
CA GLY A 195 -62.29 30.84 9.24
C GLY A 195 -60.91 31.43 9.25
N ASN A 196 -60.08 31.00 10.19
CA ASN A 196 -58.70 31.48 10.29
C ASN A 196 -57.84 31.04 9.10
N LEU A 197 -58.07 29.81 8.64
CA LEU A 197 -57.34 29.25 7.51
C LEU A 197 -57.81 29.83 6.16
N GLU A 198 -59.05 30.34 6.09
CA GLU A 198 -59.60 30.93 4.87
C GLU A 198 -59.42 32.45 4.87
N TRP A 199 -58.24 32.89 5.29
CA TRP A 199 -57.87 34.30 5.30
C TRP A 199 -57.25 34.61 3.91
N LYS A 200 -57.75 35.66 3.24
CA LYS A 200 -57.18 36.05 1.95
C LYS A 200 -56.96 37.55 1.93
N GLU A 201 -55.69 37.96 1.99
CA GLU A 201 -55.30 39.36 1.97
C GLU A 201 -54.46 39.63 0.71
N PRO A 202 -54.93 40.49 -0.20
CA PRO A 202 -54.16 40.74 -1.44
C PRO A 202 -52.92 41.59 -1.19
N PRO A 203 -51.87 41.41 -2.00
CA PRO A 203 -50.64 42.20 -1.77
C PRO A 203 -50.72 43.62 -2.25
N SER A 204 -50.02 44.52 -1.55
CA SER A 204 -49.89 45.91 -1.96
C SER A 204 -48.67 45.89 -2.88
N MET A 205 -48.83 46.36 -4.12
CA MET A 205 -47.76 46.28 -5.11
C MET A 205 -47.03 47.57 -5.41
N ARG A 206 -45.74 47.45 -5.73
CA ARG A 206 -44.88 48.57 -6.12
C ARG A 206 -43.84 48.09 -7.15
N LEU A 207 -43.60 48.88 -8.22
CA LEU A 207 -42.61 48.56 -9.24
C LEU A 207 -41.68 49.76 -9.39
N LYS A 208 -40.38 49.59 -9.11
CA LYS A 208 -39.43 50.69 -9.20
C LYS A 208 -38.14 50.28 -9.94
N ALA A 209 -37.46 51.26 -10.56
CA ALA A 209 -36.22 50.99 -11.29
C ALA A 209 -35.01 51.64 -10.62
N ARG A 210 -33.85 50.98 -10.74
CA ARG A 210 -32.56 51.39 -10.18
C ARG A 210 -31.50 51.40 -11.29
N PRO A 211 -30.52 52.32 -11.23
CA PRO A 211 -29.53 52.41 -12.31
C PRO A 211 -28.69 51.16 -12.62
N SER A 212 -27.98 50.50 -11.65
CA SER A 212 -27.16 49.29 -11.87
C SER A 212 -25.96 49.51 -12.86
N SER A 213 -25.59 48.50 -13.69
CA SER A 213 -24.51 48.55 -14.69
C SER A 213 -24.66 49.76 -15.64
N PRO A 214 -23.58 50.24 -16.28
CA PRO A 214 -23.70 51.43 -17.16
C PRO A 214 -24.82 51.41 -18.22
N GLY A 215 -24.92 50.35 -19.04
CA GLY A 215 -25.97 50.24 -20.04
C GLY A 215 -27.16 49.41 -19.60
N PHE A 216 -27.34 49.24 -18.28
CA PHE A 216 -28.42 48.43 -17.75
C PHE A 216 -29.09 49.06 -16.54
N SER A 217 -30.32 48.65 -16.27
CA SER A 217 -31.07 49.04 -15.09
C SER A 217 -31.68 47.79 -14.44
N VAL A 218 -32.10 47.90 -13.19
CA VAL A 218 -32.72 46.78 -12.49
C VAL A 218 -34.12 47.19 -12.06
N LEU A 219 -35.13 46.46 -12.52
CA LEU A 219 -36.50 46.73 -12.13
C LEU A 219 -36.87 45.79 -11.00
N THR A 220 -37.48 46.31 -9.93
CA THR A 220 -37.90 45.48 -8.81
C THR A 220 -39.39 45.57 -8.60
N CYS A 221 -40.07 44.43 -8.64
CA CYS A 221 -41.49 44.34 -8.39
C CYS A 221 -41.65 43.76 -6.98
N SER A 222 -42.27 44.52 -6.07
CA SER A 222 -42.42 44.10 -4.68
C SER A 222 -43.87 43.95 -4.23
N ALA A 223 -44.16 42.86 -3.53
CA ALA A 223 -45.47 42.52 -2.99
C ALA A 223 -45.41 42.57 -1.48
N PHE A 224 -46.26 43.41 -0.88
CA PHE A 224 -46.26 43.64 0.56
C PHE A 224 -47.50 43.09 1.27
N SER A 225 -47.30 42.51 2.46
CA SER A 225 -48.35 42.04 3.35
C SER A 225 -49.50 41.30 2.66
N PHE A 226 -49.24 40.06 2.23
CA PHE A 226 -50.27 39.23 1.60
C PHE A 226 -50.40 37.89 2.32
N TYR A 227 -51.52 37.23 2.16
CA TYR A 227 -51.73 35.89 2.69
C TYR A 227 -52.82 35.29 1.85
N PRO A 228 -52.75 34.01 1.43
CA PRO A 228 -51.74 32.95 1.62
C PRO A 228 -50.41 33.21 0.91
N PRO A 229 -49.32 32.52 1.27
CA PRO A 229 -48.02 32.80 0.65
C PRO A 229 -47.89 32.54 -0.86
N GLU A 230 -48.79 31.73 -1.45
CA GLU A 230 -48.75 31.42 -2.88
C GLU A 230 -48.96 32.68 -3.69
N LEU A 231 -47.97 33.06 -4.49
CA LEU A 231 -48.01 34.28 -5.28
C LEU A 231 -47.12 34.15 -6.50
N GLN A 232 -47.56 34.67 -7.65
CA GLN A 232 -46.77 34.63 -8.87
C GLN A 232 -46.52 36.04 -9.38
N LEU A 233 -45.24 36.40 -9.57
CA LEU A 233 -44.85 37.69 -10.11
C LEU A 233 -44.20 37.43 -11.46
N ARG A 234 -44.68 38.09 -12.50
CA ARG A 234 -44.11 37.93 -13.84
C ARG A 234 -43.83 39.29 -14.45
N PHE A 235 -42.83 39.35 -15.33
CA PHE A 235 -42.51 40.58 -16.03
C PHE A 235 -43.01 40.51 -17.47
N LEU A 236 -43.47 41.63 -18.00
CA LEU A 236 -43.93 41.70 -19.38
C LEU A 236 -43.22 42.85 -20.06
N ARG A 237 -42.81 42.65 -21.32
CA ARG A 237 -42.19 43.70 -22.12
C ARG A 237 -43.10 43.92 -23.30
N ASN A 238 -43.77 45.09 -23.34
CA ASN A 238 -44.75 45.43 -24.37
C ASN A 238 -45.91 44.41 -24.37
N GLY A 239 -46.29 43.91 -23.20
CA GLY A 239 -47.36 42.92 -23.09
C GLY A 239 -46.94 41.48 -23.36
N LEU A 240 -45.70 41.25 -23.78
CA LEU A 240 -45.20 39.91 -24.05
C LEU A 240 -44.42 39.36 -22.86
N ALA A 241 -44.49 38.05 -22.63
CA ALA A 241 -43.80 37.39 -21.51
C ALA A 241 -42.30 37.66 -21.50
N ALA A 242 -41.80 38.24 -20.41
CA ALA A 242 -40.38 38.53 -20.25
C ALA A 242 -39.71 37.75 -19.10
N GLY A 243 -40.41 36.73 -18.57
CA GLY A 243 -39.90 35.85 -17.51
C GLY A 243 -40.04 36.38 -16.10
N THR A 244 -39.47 35.63 -15.16
CA THR A 244 -39.44 36.03 -13.76
C THR A 244 -37.98 36.13 -13.39
N GLY A 245 -37.59 37.25 -12.82
CA GLY A 245 -36.20 37.45 -12.45
C GLY A 245 -35.79 36.73 -11.19
N GLN A 246 -34.79 37.30 -10.49
CA GLN A 246 -34.29 36.74 -9.25
C GLN A 246 -35.14 37.29 -8.13
N GLY A 247 -35.73 36.41 -7.34
CA GLY A 247 -36.61 36.83 -6.27
C GLY A 247 -36.25 36.38 -4.86
N ASP A 248 -36.93 36.98 -3.89
CA ASP A 248 -36.79 36.69 -2.47
C ASP A 248 -38.16 36.66 -1.84
N PHE A 249 -38.29 35.92 -0.76
CA PHE A 249 -39.55 35.73 -0.08
C PHE A 249 -39.34 35.68 1.42
N GLY A 250 -40.30 36.16 2.18
CA GLY A 250 -40.21 36.13 3.64
C GLY A 250 -41.49 36.49 4.35
N PRO A 251 -41.55 36.21 5.65
CA PRO A 251 -42.74 36.54 6.43
C PRO A 251 -42.71 37.91 7.11
N ASN A 252 -43.88 38.37 7.54
CA ASN A 252 -44.03 39.57 8.35
C ASN A 252 -44.43 39.10 9.76
N SER A 253 -44.36 40.00 10.75
CA SER A 253 -44.65 39.65 12.14
C SER A 253 -46.05 39.10 12.38
N ASP A 254 -47.02 39.47 11.55
CA ASP A 254 -48.39 39.02 11.72
C ASP A 254 -48.74 37.70 11.01
N GLY A 255 -47.75 37.05 10.41
CA GLY A 255 -48.01 35.80 9.68
C GLY A 255 -48.28 36.01 8.20
N SER A 256 -48.44 37.27 7.77
CA SER A 256 -48.58 37.57 6.35
C SER A 256 -47.17 37.48 5.70
N PHE A 257 -47.07 37.72 4.40
CA PHE A 257 -45.82 37.54 3.67
C PHE A 257 -45.42 38.72 2.81
N HIS A 258 -44.17 38.70 2.38
CA HIS A 258 -43.55 39.70 1.55
C HIS A 258 -42.73 38.97 0.48
N ALA A 259 -42.73 39.51 -0.73
CA ALA A 259 -41.97 38.93 -1.84
C ALA A 259 -41.49 40.04 -2.77
N SER A 260 -40.35 39.82 -3.44
CA SER A 260 -39.84 40.79 -4.40
C SER A 260 -39.03 40.10 -5.48
N SER A 261 -39.28 40.43 -6.74
CA SER A 261 -38.51 39.87 -7.85
C SER A 261 -37.88 40.99 -8.64
N SER A 262 -36.63 40.81 -9.05
CA SER A 262 -35.91 41.84 -9.80
C SER A 262 -35.44 41.33 -11.14
N LEU A 263 -35.50 42.19 -12.16
CA LEU A 263 -35.09 41.82 -13.52
C LEU A 263 -34.15 42.86 -14.10
N THR A 264 -33.12 42.41 -14.81
CA THR A 264 -32.17 43.32 -15.43
C THR A 264 -32.70 43.70 -16.82
N VAL A 265 -32.75 44.98 -17.11
CA VAL A 265 -33.24 45.49 -18.39
C VAL A 265 -32.23 46.47 -19.00
N LYS A 266 -32.31 46.72 -20.32
CA LYS A 266 -31.43 47.68 -20.97
C LYS A 266 -31.78 49.09 -20.50
N SER A 267 -30.77 49.92 -20.18
CA SER A 267 -30.98 51.29 -19.74
C SER A 267 -31.73 52.07 -20.82
N GLY A 268 -32.78 52.78 -20.43
CA GLY A 268 -33.62 53.51 -21.37
C GLY A 268 -34.83 52.72 -21.87
N ASP A 269 -34.89 51.42 -21.56
CA ASP A 269 -35.98 50.54 -21.99
C ASP A 269 -36.96 50.18 -20.87
N GLU A 270 -36.77 50.72 -19.66
CA GLU A 270 -37.59 50.42 -18.49
C GLU A 270 -39.08 50.70 -18.70
N HIS A 271 -39.42 51.81 -19.35
CA HIS A 271 -40.80 52.21 -19.60
C HIS A 271 -41.62 51.20 -20.41
N HIS A 272 -40.95 50.25 -21.08
CA HIS A 272 -41.66 49.22 -21.85
C HIS A 272 -42.12 48.03 -20.98
N TYR A 273 -41.66 47.97 -19.72
CA TYR A 273 -41.95 46.86 -18.83
C TYR A 273 -43.10 47.10 -17.87
N CYS A 274 -43.75 46.01 -17.53
CA CYS A 274 -44.87 45.90 -16.62
C CYS A 274 -44.62 44.69 -15.71
N CYS A 275 -45.32 44.61 -14.59
CA CYS A 275 -45.21 43.47 -13.69
C CYS A 275 -46.62 42.98 -13.40
N ILE A 276 -46.88 41.68 -13.53
CA ILE A 276 -48.19 41.12 -13.27
C ILE A 276 -48.14 40.27 -12.03
N VAL A 277 -49.12 40.44 -11.15
CA VAL A 277 -49.18 39.64 -9.94
C VAL A 277 -50.44 38.82 -9.93
N GLN A 278 -50.30 37.54 -9.57
CA GLN A 278 -51.43 36.65 -9.41
C GLN A 278 -51.42 36.21 -7.96
N HIS A 279 -52.53 36.43 -7.25
CA HIS A 279 -52.69 36.05 -5.84
C HIS A 279 -54.16 35.78 -5.53
N ALA A 280 -54.44 34.83 -4.63
CA ALA A 280 -55.80 34.44 -4.26
C ALA A 280 -56.68 35.56 -3.72
N GLY A 281 -56.06 36.60 -3.16
CA GLY A 281 -56.79 37.76 -2.66
C GLY A 281 -57.28 38.68 -3.77
N LEU A 282 -56.79 38.50 -5.00
CA LEU A 282 -57.18 39.26 -6.18
C LEU A 282 -58.09 38.42 -7.06
N ALA A 283 -59.18 39.01 -7.56
CA ALA A 283 -60.11 38.31 -8.43
C ALA A 283 -59.52 38.09 -9.83
N GLN A 284 -58.74 39.07 -10.31
CA GLN A 284 -58.09 39.00 -11.61
C GLN A 284 -56.62 39.41 -11.49
N PRO A 285 -55.72 38.89 -12.36
CA PRO A 285 -54.30 39.28 -12.26
C PRO A 285 -54.14 40.80 -12.35
N LEU A 286 -53.23 41.34 -11.55
CA LEU A 286 -53.06 42.79 -11.49
C LEU A 286 -51.81 43.27 -12.21
N ARG A 287 -51.98 44.26 -13.11
CA ARG A 287 -50.87 44.87 -13.83
C ARG A 287 -50.34 46.01 -12.98
N VAL A 288 -49.02 46.02 -12.74
CA VAL A 288 -48.36 47.02 -11.92
C VAL A 288 -47.43 47.84 -12.80
N GLU A 289 -47.67 49.16 -12.83
CA GLU A 289 -46.86 50.07 -13.66
C GLU A 289 -45.73 50.70 -12.86
N LEU A 290 -44.68 51.16 -13.56
CA LEU A 290 -43.54 51.83 -12.92
C LEU A 290 -44.01 53.08 -12.17
N GLU A 291 -44.86 53.90 -12.82
CA GLU A 291 -45.46 55.14 -12.30
C GLU A 291 -44.43 56.13 -11.75
N SER A 292 -43.30 56.29 -12.45
CA SER A 292 -42.25 57.20 -12.00
C SER A 292 -42.43 58.59 -12.63
N PRO A 293 -42.89 59.55 -11.82
CA PRO A 293 -43.87 60.53 -12.34
C PRO A 293 -43.74 61.89 -11.67
N ILE B 21 -24.09 20.56 7.56
CA ILE B 21 -23.44 20.55 8.87
C ILE B 21 -23.42 21.96 9.49
N GLN B 22 -22.79 22.94 8.83
CA GLN B 22 -22.81 24.32 9.29
C GLN B 22 -23.23 25.15 8.11
N ARG B 23 -24.27 25.97 8.29
CA ARG B 23 -24.77 26.81 7.20
C ARG B 23 -24.78 28.29 7.55
N THR B 24 -24.28 29.13 6.62
CA THR B 24 -24.23 30.57 6.81
C THR B 24 -25.60 31.20 6.58
N PRO B 25 -26.00 32.18 7.40
CA PRO B 25 -27.35 32.75 7.24
C PRO B 25 -27.53 33.65 6.03
N LYS B 26 -28.76 33.67 5.52
CA LYS B 26 -29.21 34.53 4.44
C LYS B 26 -30.03 35.64 5.13
N ILE B 27 -29.73 36.89 4.80
CA ILE B 27 -30.37 38.03 5.45
C ILE B 27 -31.21 38.86 4.49
N GLN B 28 -32.48 39.09 4.83
CA GLN B 28 -33.38 39.93 4.04
C GLN B 28 -33.90 41.06 4.91
N VAL B 29 -33.95 42.28 4.37
CA VAL B 29 -34.44 43.45 5.10
C VAL B 29 -35.52 44.12 4.26
N TYR B 30 -36.73 44.24 4.83
CA TYR B 30 -37.86 44.84 4.12
C TYR B 30 -38.89 45.36 5.11
N SER B 31 -39.71 46.32 4.68
CA SER B 31 -40.77 46.83 5.54
C SER B 31 -42.03 45.98 5.37
N ARG B 32 -42.89 45.99 6.38
CA ARG B 32 -44.14 45.22 6.35
C ARG B 32 -45.08 45.78 5.29
N HIS B 33 -45.17 47.10 5.20
CA HIS B 33 -46.00 47.79 4.22
C HIS B 33 -45.14 48.69 3.35
N PRO B 34 -45.60 49.11 2.16
CA PRO B 34 -44.79 50.04 1.34
C PRO B 34 -44.36 51.27 2.15
N ALA B 35 -43.06 51.61 2.10
CA ALA B 35 -42.54 52.71 2.90
C ALA B 35 -43.06 54.07 2.48
N GLU B 36 -43.53 54.85 3.45
CA GLU B 36 -44.01 56.20 3.22
C GLU B 36 -43.49 57.04 4.39
N ASN B 37 -42.68 58.07 4.08
CA ASN B 37 -42.09 58.91 5.11
C ASN B 37 -43.15 59.56 6.00
N GLY B 38 -42.96 59.44 7.30
CA GLY B 38 -43.90 59.98 8.28
C GLY B 38 -45.05 59.06 8.64
N LYS B 39 -45.15 57.89 7.99
CA LYS B 39 -46.22 56.95 8.28
C LYS B 39 -45.70 55.77 9.08
N SER B 40 -46.42 55.36 10.12
CA SER B 40 -46.02 54.22 10.95
C SER B 40 -45.98 52.93 10.14
N ASN B 41 -45.00 52.06 10.43
CA ASN B 41 -44.75 50.84 9.69
C ASN B 41 -43.93 49.87 10.59
N PHE B 42 -43.47 48.75 10.03
CA PHE B 42 -42.62 47.80 10.71
C PHE B 42 -41.44 47.47 9.82
N LEU B 43 -40.25 47.38 10.42
CA LEU B 43 -39.05 47.04 9.68
C LEU B 43 -38.69 45.61 10.07
N ASN B 44 -38.53 44.74 9.09
CA ASN B 44 -38.23 43.34 9.31
C ASN B 44 -36.83 42.99 8.89
N CYS B 45 -36.23 42.05 9.59
CA CYS B 45 -34.97 41.45 9.23
C CYS B 45 -35.19 39.97 9.34
N TYR B 46 -35.32 39.32 8.20
CA TYR B 46 -35.56 37.89 8.14
C TYR B 46 -34.25 37.16 7.90
N VAL B 47 -33.82 36.35 8.86
CA VAL B 47 -32.58 35.58 8.78
C VAL B 47 -32.93 34.12 8.63
N SER B 48 -32.44 33.47 7.57
CA SER B 48 -32.82 32.09 7.30
C SER B 48 -31.64 31.23 6.78
N GLY B 49 -31.84 29.92 6.74
CA GLY B 49 -30.87 28.99 6.19
C GLY B 49 -29.58 28.82 6.94
N PHE B 50 -29.60 29.01 8.27
CA PHE B 50 -28.39 28.88 9.06
C PHE B 50 -28.37 27.65 9.99
N HIS B 51 -27.17 27.19 10.35
CA HIS B 51 -26.97 26.07 11.28
C HIS B 51 -25.55 26.18 11.86
N PRO B 52 -25.37 26.08 13.20
CA PRO B 52 -26.37 25.80 14.25
C PRO B 52 -27.34 26.96 14.55
N SER B 53 -28.24 26.76 15.50
CA SER B 53 -29.30 27.70 15.82
C SER B 53 -28.89 28.96 16.57
N ASP B 54 -27.75 28.94 17.26
CA ASP B 54 -27.29 30.11 18.01
C ASP B 54 -26.98 31.27 17.06
N ILE B 55 -27.69 32.39 17.20
CA ILE B 55 -27.47 33.55 16.32
C ILE B 55 -27.72 34.87 17.07
N GLU B 56 -27.04 35.94 16.65
CA GLU B 56 -27.22 37.25 17.26
C GLU B 56 -27.67 38.24 16.19
N VAL B 57 -28.80 38.91 16.41
CA VAL B 57 -29.34 39.84 15.42
C VAL B 57 -29.66 41.18 16.07
N ASP B 58 -29.31 42.29 15.41
CA ASP B 58 -29.61 43.62 15.90
C ASP B 58 -30.10 44.49 14.76
N LEU B 59 -31.12 45.31 15.02
CA LEU B 59 -31.59 46.27 14.05
C LEU B 59 -30.93 47.62 14.36
N LEU B 60 -30.53 48.36 13.33
CA LEU B 60 -29.82 49.63 13.50
C LEU B 60 -30.52 50.80 12.82
N LYS B 61 -30.53 51.94 13.49
CA LYS B 61 -31.11 53.18 12.98
C LYS B 61 -29.98 54.19 12.94
N ASN B 62 -29.47 54.47 11.73
CA ASN B 62 -28.34 55.36 11.51
C ASN B 62 -27.11 54.86 12.27
N GLY B 63 -26.91 53.54 12.27
CA GLY B 63 -25.80 52.88 12.95
C GLY B 63 -26.01 52.58 14.41
N GLU B 64 -27.05 53.15 15.04
CA GLU B 64 -27.32 52.93 16.45
C GLU B 64 -28.22 51.71 16.65
N ARG B 65 -27.87 50.82 17.59
CA ARG B 65 -28.69 49.63 17.86
C ARG B 65 -30.05 50.01 18.42
N ILE B 66 -31.12 49.48 17.83
CA ILE B 66 -32.49 49.76 18.24
C ILE B 66 -32.83 48.91 19.47
N GLU B 67 -33.38 49.52 20.52
CA GLU B 67 -33.68 48.80 21.75
C GLU B 67 -34.98 47.98 21.69
N LYS B 68 -36.07 48.58 21.22
CA LYS B 68 -37.36 47.90 21.17
C LYS B 68 -37.50 47.02 19.94
N VAL B 69 -36.87 45.84 19.96
CA VAL B 69 -36.91 44.90 18.86
C VAL B 69 -37.45 43.55 19.31
N GLU B 70 -38.51 43.08 18.66
CA GLU B 70 -39.07 41.78 18.97
C GLU B 70 -38.67 40.75 17.91
N HIS B 71 -38.85 39.47 18.22
CA HIS B 71 -38.52 38.42 17.26
C HIS B 71 -39.47 37.25 17.34
N SER B 72 -39.60 36.53 16.23
CA SER B 72 -40.45 35.35 16.16
C SER B 72 -39.77 34.15 16.83
N ASP B 73 -40.42 32.97 16.79
CA ASP B 73 -39.85 31.77 17.33
C ASP B 73 -38.80 31.25 16.36
N LEU B 74 -37.74 30.67 16.90
CA LEU B 74 -36.70 30.04 16.10
C LEU B 74 -37.31 28.75 15.53
N SER B 75 -37.51 28.72 14.21
CA SER B 75 -38.06 27.53 13.55
C SER B 75 -37.09 27.04 12.45
N PHE B 76 -37.47 26.02 11.66
CA PHE B 76 -36.58 25.50 10.63
C PHE B 76 -37.33 25.02 9.39
N SER B 77 -36.61 24.98 8.26
CA SER B 77 -37.14 24.63 6.95
C SER B 77 -37.01 23.13 6.64
N LYS B 78 -37.49 22.68 5.46
CA LYS B 78 -37.43 21.29 5.02
C LYS B 78 -36.00 20.74 5.02
N ASP B 79 -35.01 21.59 4.75
CA ASP B 79 -33.59 21.18 4.76
C ASP B 79 -32.95 21.19 6.16
N TRP B 80 -33.76 21.40 7.22
CA TRP B 80 -33.38 21.45 8.63
C TRP B 80 -32.67 22.74 9.05
N SER B 81 -32.40 23.65 8.12
CA SER B 81 -31.75 24.91 8.44
C SER B 81 -32.73 25.83 9.17
N PHE B 82 -32.23 26.59 10.15
CA PHE B 82 -33.05 27.46 10.97
C PHE B 82 -33.42 28.80 10.33
N TYR B 83 -34.50 29.42 10.82
CA TYR B 83 -34.94 30.73 10.38
C TYR B 83 -35.59 31.50 11.52
N LEU B 84 -35.50 32.82 11.45
CA LEU B 84 -35.96 33.70 12.51
C LEU B 84 -36.31 35.07 11.94
N LEU B 85 -37.35 35.72 12.47
CA LEU B 85 -37.73 37.06 12.03
C LEU B 85 -37.56 38.07 13.16
N TYR B 86 -36.80 39.14 12.93
CA TYR B 86 -36.68 40.24 13.87
C TYR B 86 -37.45 41.42 13.31
N TYR B 87 -38.16 42.17 14.15
CA TYR B 87 -38.97 43.28 13.70
C TYR B 87 -39.11 44.38 14.73
N THR B 88 -39.34 45.61 14.26
CA THR B 88 -39.53 46.75 15.14
C THR B 88 -40.48 47.76 14.49
N GLU B 89 -41.29 48.42 15.30
CA GLU B 89 -42.20 49.44 14.78
C GLU B 89 -41.37 50.66 14.51
N PHE B 90 -41.57 51.27 13.36
CA PHE B 90 -40.80 52.46 13.01
C PHE B 90 -41.57 53.40 12.08
N THR B 91 -41.12 54.63 12.00
CA THR B 91 -41.70 55.62 11.11
C THR B 91 -40.57 56.12 10.24
N PRO B 92 -40.49 55.66 8.99
CA PRO B 92 -39.36 56.08 8.13
C PRO B 92 -39.36 57.57 7.82
N THR B 93 -38.18 58.11 7.56
CA THR B 93 -37.98 59.50 7.16
C THR B 93 -37.05 59.54 5.95
N GLU B 94 -36.93 60.70 5.30
CA GLU B 94 -36.07 60.84 4.12
C GLU B 94 -34.60 60.63 4.46
N LYS B 95 -34.15 61.14 5.61
CA LYS B 95 -32.74 61.06 6.00
C LYS B 95 -32.35 59.82 6.80
N ASP B 96 -33.32 59.16 7.44
CA ASP B 96 -33.04 57.98 8.25
C ASP B 96 -32.60 56.74 7.46
N GLU B 97 -31.50 56.12 7.89
CA GLU B 97 -30.96 54.93 7.28
C GLU B 97 -31.11 53.75 8.24
N TYR B 98 -31.58 52.61 7.75
CA TYR B 98 -31.75 51.43 8.59
C TYR B 98 -30.96 50.25 8.07
N ALA B 99 -30.59 49.33 8.98
CA ALA B 99 -29.80 48.15 8.62
C ALA B 99 -29.99 47.01 9.63
N CYS B 100 -29.60 45.79 9.25
CA CYS B 100 -29.66 44.65 10.14
C CYS B 100 -28.25 44.08 10.30
N ARG B 101 -27.83 43.83 11.54
CA ARG B 101 -26.50 43.30 11.83
C ARG B 101 -26.64 41.90 12.43
N VAL B 102 -26.05 40.90 11.76
CA VAL B 102 -26.15 39.51 12.15
C VAL B 102 -24.80 38.90 12.45
N ASN B 103 -24.69 38.14 13.54
CA ASN B 103 -23.46 37.43 13.87
C ASN B 103 -23.78 35.96 14.05
N HIS B 104 -22.93 35.11 13.49
CA HIS B 104 -23.09 33.67 13.55
C HIS B 104 -21.70 33.01 13.52
N VAL B 105 -21.60 31.73 13.94
CA VAL B 105 -20.35 30.97 13.98
C VAL B 105 -19.68 30.95 12.61
N THR B 106 -20.48 30.83 11.53
CA THR B 106 -19.99 30.79 10.17
C THR B 106 -19.45 32.13 9.64
N LEU B 107 -19.76 33.23 10.31
CA LEU B 107 -19.35 34.56 9.87
C LEU B 107 -18.10 35.04 10.57
N SER B 108 -17.06 35.38 9.80
CA SER B 108 -15.79 35.90 10.33
C SER B 108 -16.01 37.19 11.11
N GLN B 109 -16.91 38.04 10.61
CA GLN B 109 -17.29 39.30 11.22
C GLN B 109 -18.80 39.49 11.04
N PRO B 110 -19.46 40.24 11.93
CA PRO B 110 -20.90 40.48 11.76
C PRO B 110 -21.25 41.05 10.40
N LYS B 111 -22.27 40.48 9.75
CA LYS B 111 -22.71 40.93 8.43
C LYS B 111 -23.78 41.98 8.61
N ILE B 112 -23.59 43.14 7.97
CA ILE B 112 -24.56 44.22 8.05
C ILE B 112 -25.25 44.38 6.70
N VAL B 113 -26.57 44.27 6.69
CA VAL B 113 -27.36 44.42 5.48
C VAL B 113 -28.22 45.68 5.59
N LYS B 114 -27.98 46.67 4.71
CA LYS B 114 -28.75 47.91 4.75
C LYS B 114 -30.13 47.71 4.17
N TRP B 115 -31.11 48.46 4.69
CA TRP B 115 -32.47 48.38 4.20
C TRP B 115 -32.58 49.10 2.87
N ASP B 116 -33.00 48.37 1.82
CA ASP B 116 -33.27 48.94 0.51
C ASP B 116 -34.78 49.11 0.44
N ARG B 117 -35.24 50.37 0.42
CA ARG B 117 -36.65 50.69 0.43
C ARG B 117 -37.45 50.08 -0.73
N ASP B 118 -36.84 49.96 -1.92
CA ASP B 118 -37.53 49.44 -3.11
C ASP B 118 -37.90 47.96 -3.03
N MET B 119 -37.10 47.17 -2.31
CA MET B 119 -37.30 45.72 -2.20
C MET B 119 -38.34 45.31 -1.14
N LEU C 28 49.19 -32.62 4.74
CA LEU C 28 48.64 -33.02 3.45
C LEU C 28 47.22 -33.57 3.60
N SER C 29 46.35 -33.21 2.65
CA SER C 29 44.95 -33.61 2.69
C SER C 29 44.57 -34.66 1.68
N LEU C 30 43.68 -35.58 2.08
CA LEU C 30 43.11 -36.57 1.17
C LEU C 30 41.68 -36.07 0.95
N LEU C 31 41.36 -35.65 -0.28
CA LEU C 31 40.04 -35.12 -0.59
C LEU C 31 39.45 -35.73 -1.86
N TYR C 32 38.17 -36.05 -1.81
CA TYR C 32 37.45 -36.59 -2.95
C TYR C 32 36.55 -35.49 -3.49
N HIS C 33 36.59 -35.28 -4.80
CA HIS C 33 35.76 -34.29 -5.46
C HIS C 33 34.69 -35.03 -6.24
N LEU C 34 33.49 -35.10 -5.70
CA LEU C 34 32.39 -35.83 -6.32
C LEU C 34 31.44 -34.89 -7.06
N THR C 35 31.00 -35.28 -8.26
CA THR C 35 30.03 -34.49 -9.01
C THR C 35 29.00 -35.39 -9.66
N ALA C 36 27.75 -34.98 -9.61
CA ALA C 36 26.67 -35.65 -10.32
C ALA C 36 25.87 -34.59 -11.06
N VAL C 37 25.45 -34.88 -12.28
CA VAL C 37 24.64 -33.96 -13.08
C VAL C 37 23.33 -34.68 -13.44
N SER C 38 22.20 -33.96 -13.42
CA SER C 38 20.91 -34.57 -13.72
C SER C 38 20.74 -34.87 -15.20
N SER C 39 21.34 -34.04 -16.08
CA SER C 39 21.25 -34.25 -17.52
C SER C 39 22.64 -34.14 -18.14
N PRO C 40 23.43 -35.23 -18.08
CA PRO C 40 24.80 -35.15 -18.64
C PRO C 40 24.78 -35.05 -20.15
N ALA C 41 25.77 -34.34 -20.70
CA ALA C 41 25.92 -34.20 -22.15
C ALA C 41 26.20 -35.60 -22.75
N PRO C 42 25.71 -35.88 -23.96
CA PRO C 42 25.89 -37.23 -24.53
C PRO C 42 27.33 -37.73 -24.52
N GLY C 43 27.50 -38.95 -24.04
CA GLY C 43 28.82 -39.55 -23.93
C GLY C 43 29.60 -39.17 -22.67
N THR C 44 29.03 -38.29 -21.83
CA THR C 44 29.68 -37.87 -20.59
C THR C 44 29.00 -38.55 -19.39
N PRO C 45 29.75 -38.88 -18.33
CA PRO C 45 29.13 -39.57 -17.19
C PRO C 45 28.19 -38.72 -16.37
N ALA C 46 27.17 -39.35 -15.83
CA ALA C 46 26.24 -38.66 -14.94
C ALA C 46 26.88 -38.43 -13.56
N PHE C 47 27.91 -39.21 -13.18
CA PHE C 47 28.59 -39.07 -11.89
C PHE C 47 30.06 -39.39 -12.07
N TRP C 48 30.94 -38.60 -11.46
CA TRP C 48 32.37 -38.84 -11.54
C TRP C 48 33.11 -38.28 -10.33
N VAL C 49 34.24 -38.88 -9.99
CA VAL C 49 35.01 -38.52 -8.82
C VAL C 49 36.49 -38.38 -9.17
N SER C 50 37.18 -37.47 -8.49
CA SER C 50 38.63 -37.34 -8.57
C SER C 50 39.15 -37.29 -7.13
N GLY C 51 40.14 -38.11 -6.84
CA GLY C 51 40.73 -38.18 -5.51
C GLY C 51 42.07 -37.49 -5.50
N TRP C 52 42.37 -36.74 -4.45
CA TRP C 52 43.62 -35.98 -4.37
C TRP C 52 44.35 -36.20 -3.08
N LEU C 53 45.67 -36.26 -3.17
CA LEU C 53 46.58 -36.39 -2.05
C LEU C 53 47.42 -35.14 -2.15
N GLY C 54 47.01 -34.09 -1.46
CA GLY C 54 47.66 -32.79 -1.55
C GLY C 54 47.36 -32.22 -2.92
N PRO C 55 48.40 -31.76 -3.63
CA PRO C 55 48.17 -31.22 -4.99
C PRO C 55 48.25 -32.24 -6.13
N GLN C 56 48.37 -33.53 -5.82
CA GLN C 56 48.49 -34.58 -6.83
C GLN C 56 47.21 -35.40 -6.88
N GLN C 57 46.72 -35.69 -8.08
CA GLN C 57 45.54 -36.53 -8.22
C GLN C 57 45.97 -37.98 -8.19
N TYR C 58 45.35 -38.78 -7.33
CA TYR C 58 45.68 -40.20 -7.25
C TYR C 58 44.56 -41.10 -7.77
N LEU C 59 43.33 -40.61 -7.84
CA LEU C 59 42.18 -41.44 -8.20
C LEU C 59 41.25 -40.80 -9.21
N SER C 60 40.68 -41.63 -10.07
CA SER C 60 39.68 -41.21 -11.04
C SER C 60 38.55 -42.25 -11.01
N TYR C 61 37.31 -41.78 -11.11
CA TYR C 61 36.15 -42.66 -11.14
C TYR C 61 35.04 -41.99 -11.93
N ASN C 62 34.28 -42.75 -12.69
CA ASN C 62 33.08 -42.25 -13.35
C ASN C 62 32.05 -43.37 -13.48
N SER C 63 30.79 -43.01 -13.63
CA SER C 63 29.68 -43.94 -13.71
C SER C 63 29.64 -44.77 -14.99
N LEU C 64 30.32 -44.31 -16.05
CA LEU C 64 30.33 -45.06 -17.32
C LEU C 64 31.24 -46.28 -17.22
N ARG C 65 32.47 -46.10 -16.72
CA ARG C 65 33.42 -47.19 -16.52
C ARG C 65 33.07 -48.00 -15.28
N GLY C 66 32.64 -47.32 -14.21
CA GLY C 66 32.23 -47.96 -12.98
C GLY C 66 33.35 -48.55 -12.15
N GLU C 67 34.59 -48.11 -12.40
CA GLU C 67 35.75 -48.60 -11.65
C GLU C 67 36.69 -47.48 -11.26
N ALA C 68 37.14 -47.49 -10.00
CA ALA C 68 38.08 -46.50 -9.51
C ALA C 68 39.45 -46.88 -10.03
N GLU C 69 40.18 -45.92 -10.60
CA GLU C 69 41.48 -46.17 -11.20
C GLU C 69 42.53 -45.19 -10.67
N PRO C 70 43.78 -45.64 -10.55
CA PRO C 70 44.85 -44.72 -10.14
C PRO C 70 45.21 -43.71 -11.24
N CYS C 71 45.85 -42.60 -10.84
CA CYS C 71 46.25 -41.54 -11.75
C CYS C 71 47.74 -41.25 -11.61
N GLY C 72 48.37 -40.87 -12.71
CA GLY C 72 49.78 -40.51 -12.75
C GLY C 72 50.71 -41.53 -12.14
N ALA C 73 51.59 -41.07 -11.24
CA ALA C 73 52.57 -41.90 -10.55
C ALA C 73 51.93 -43.03 -9.75
N TRP C 74 50.71 -42.82 -9.27
CA TRP C 74 50.01 -43.80 -8.44
C TRP C 74 49.65 -45.09 -9.19
N VAL C 75 49.63 -45.05 -10.54
CA VAL C 75 49.44 -46.21 -11.39
C VAL C 75 50.59 -47.22 -11.18
N TRP C 76 51.80 -46.71 -10.96
CA TRP C 76 52.97 -47.57 -10.79
C TRP C 76 53.27 -47.93 -9.33
N GLU C 77 52.59 -47.32 -8.37
CA GLU C 77 52.81 -47.60 -6.96
C GLU C 77 52.11 -48.89 -6.56
N SER C 81 48.00 -54.32 -3.38
CA SER C 81 47.02 -54.99 -2.51
C SER C 81 45.57 -54.84 -3.02
N TRP C 82 44.58 -55.47 -2.33
CA TRP C 82 43.15 -55.40 -2.71
C TRP C 82 42.55 -54.09 -2.18
N TYR C 83 43.14 -52.98 -2.61
CA TYR C 83 42.74 -51.65 -2.19
C TYR C 83 41.84 -50.96 -3.21
N TRP C 84 42.16 -51.07 -4.50
CA TRP C 84 41.37 -50.41 -5.55
C TRP C 84 39.96 -51.00 -5.72
N GLU C 85 39.79 -52.29 -5.41
CA GLU C 85 38.48 -52.93 -5.47
C GLU C 85 37.57 -52.35 -4.36
N LYS C 86 38.12 -52.11 -3.16
CA LYS C 86 37.39 -51.55 -2.04
C LYS C 86 36.99 -50.11 -2.33
N GLU C 87 37.90 -49.32 -2.95
CA GLU C 87 37.57 -47.95 -3.34
C GLU C 87 36.45 -47.95 -4.38
N THR C 88 36.51 -48.89 -5.35
CA THR C 88 35.47 -49.04 -6.36
C THR C 88 34.12 -49.34 -5.70
N THR C 89 34.10 -50.28 -4.75
CA THR C 89 32.89 -50.66 -4.03
C THR C 89 32.27 -49.44 -3.32
N ASP C 90 33.09 -48.65 -2.65
CA ASP C 90 32.61 -47.48 -1.92
C ASP C 90 32.12 -46.34 -2.83
N LEU C 91 32.81 -46.11 -3.96
CA LEU C 91 32.40 -45.05 -4.88
C LEU C 91 31.10 -45.40 -5.62
N ARG C 92 30.86 -46.70 -5.85
CA ARG C 92 29.60 -47.15 -6.46
C ARG C 92 28.42 -46.87 -5.50
N ILE C 93 28.68 -46.97 -4.19
CA ILE C 93 27.68 -46.67 -3.18
C ILE C 93 27.40 -45.16 -3.14
N LYS C 94 28.44 -44.31 -3.22
CA LYS C 94 28.24 -42.85 -3.24
C LYS C 94 27.54 -42.42 -4.53
N GLU C 95 27.80 -43.11 -5.65
CA GLU C 95 27.15 -42.86 -6.93
C GLU C 95 25.63 -42.99 -6.79
N LYS C 96 25.18 -44.07 -6.12
CA LYS C 96 23.75 -44.31 -5.90
C LYS C 96 23.13 -43.22 -5.05
N LEU C 97 23.84 -42.76 -4.02
CA LEU C 97 23.35 -41.70 -3.15
C LEU C 97 23.20 -40.40 -3.93
N PHE C 98 24.21 -40.05 -4.74
CA PHE C 98 24.15 -38.82 -5.51
C PHE C 98 23.02 -38.83 -6.51
N LEU C 99 22.86 -39.91 -7.27
CA LEU C 99 21.78 -40.01 -8.25
C LEU C 99 20.40 -40.01 -7.59
N GLU C 100 20.30 -40.56 -6.37
CA GLU C 100 19.04 -40.57 -5.62
C GLU C 100 18.65 -39.17 -5.13
N ALA C 101 19.63 -38.27 -4.95
CA ALA C 101 19.35 -36.91 -4.50
C ALA C 101 18.50 -36.14 -5.51
N PHE C 102 18.69 -36.38 -6.81
CA PHE C 102 17.90 -35.71 -7.83
C PHE C 102 16.44 -36.14 -7.78
N LYS C 103 16.17 -37.41 -7.44
CA LYS C 103 14.80 -37.89 -7.30
C LYS C 103 14.09 -37.22 -6.11
N ALA C 104 14.85 -36.89 -5.05
CA ALA C 104 14.29 -36.20 -3.89
C ALA C 104 13.92 -34.75 -4.23
N LEU C 105 14.67 -34.10 -5.14
CA LEU C 105 14.36 -32.74 -5.53
C LEU C 105 13.14 -32.70 -6.45
N GLY C 106 13.09 -33.63 -7.40
CA GLY C 106 11.99 -33.77 -8.35
C GLY C 106 11.66 -32.54 -9.18
N GLY C 107 12.52 -32.20 -10.13
CA GLY C 107 12.29 -31.05 -10.98
C GLY C 107 12.75 -31.27 -12.41
N LYS C 108 12.07 -30.61 -13.36
CA LYS C 108 12.41 -30.73 -14.77
C LYS C 108 13.76 -30.08 -15.10
N GLY C 109 14.06 -28.97 -14.43
CA GLY C 109 15.31 -28.23 -14.62
C GLY C 109 16.55 -29.05 -14.29
N PRO C 110 17.71 -28.68 -14.82
CA PRO C 110 18.93 -29.47 -14.54
C PRO C 110 19.56 -29.14 -13.20
N TYR C 111 20.20 -30.14 -12.61
CA TYR C 111 20.86 -29.97 -11.33
C TYR C 111 22.30 -30.45 -11.42
N THR C 112 23.17 -29.89 -10.57
CA THR C 112 24.55 -30.33 -10.42
C THR C 112 24.75 -30.48 -8.93
N LEU C 113 25.09 -31.67 -8.46
CA LEU C 113 25.37 -31.90 -7.04
C LEU C 113 26.85 -32.20 -6.87
N GLN C 114 27.53 -31.45 -6.01
CA GLN C 114 28.95 -31.65 -5.75
C GLN C 114 29.18 -31.97 -4.29
N GLY C 115 30.20 -32.76 -4.03
CA GLY C 115 30.57 -33.11 -2.67
C GLY C 115 32.07 -33.04 -2.52
N LEU C 116 32.52 -32.59 -1.36
CA LEU C 116 33.94 -32.54 -1.05
C LEU C 116 34.08 -33.26 0.26
N LEU C 117 34.58 -34.50 0.20
CA LEU C 117 34.72 -35.35 1.37
C LEU C 117 36.17 -35.74 1.58
N GLY C 118 36.65 -35.59 2.79
CA GLY C 118 38.03 -35.95 3.09
C GLY C 118 38.47 -35.58 4.48
N CYS C 119 39.79 -35.62 4.68
CA CYS C 119 40.37 -35.34 5.98
C CYS C 119 41.81 -34.80 5.86
N GLU C 120 42.32 -34.22 6.95
CA GLU C 120 43.65 -33.65 7.02
C GLU C 120 44.27 -33.83 8.41
N GLY C 122 46.88 -32.13 11.42
CA GLY C 122 46.74 -32.85 12.68
C GLY C 122 47.93 -32.65 13.61
N PRO C 123 47.73 -31.96 14.74
CA PRO C 123 48.85 -31.70 15.65
C PRO C 123 49.37 -32.93 16.40
N ASP C 124 48.48 -33.71 17.01
CA ASP C 124 48.88 -34.91 17.75
C ASP C 124 48.18 -36.12 17.15
N ASN C 125 48.56 -36.46 15.90
CA ASN C 125 47.97 -37.56 15.13
C ASN C 125 46.44 -37.47 15.07
N THR C 126 45.91 -36.23 15.04
CA THR C 126 44.48 -35.95 14.97
C THR C 126 44.07 -35.79 13.50
N SER C 127 42.77 -35.95 13.23
CA SER C 127 42.27 -35.82 11.87
C SER C 127 41.14 -34.80 11.83
N VAL C 128 41.13 -33.95 10.80
CA VAL C 128 40.10 -32.93 10.65
C VAL C 128 39.25 -33.28 9.44
N PRO C 129 38.00 -33.69 9.65
CA PRO C 129 37.16 -34.09 8.51
C PRO C 129 36.59 -32.91 7.74
N THR C 130 36.30 -33.15 6.47
CA THR C 130 35.67 -32.19 5.58
C THR C 130 34.51 -32.91 4.92
N ALA C 131 33.30 -32.34 5.00
CA ALA C 131 32.13 -32.95 4.40
C ALA C 131 31.16 -31.87 4.01
N LYS C 132 31.37 -31.29 2.84
CA LYS C 132 30.54 -30.21 2.33
C LYS C 132 29.93 -30.56 0.99
N PHE C 133 28.78 -29.98 0.68
CA PHE C 133 28.08 -30.22 -0.57
C PHE C 133 27.57 -28.93 -1.18
N ALA C 134 27.48 -28.91 -2.50
CA ALA C 134 26.99 -27.75 -3.23
C ALA C 134 25.96 -28.16 -4.27
N LEU C 135 24.92 -27.35 -4.43
CA LEU C 135 23.90 -27.60 -5.43
C LEU C 135 23.92 -26.44 -6.41
N ASN C 136 24.08 -26.74 -7.70
CA ASN C 136 24.16 -25.74 -8.76
C ASN C 136 25.25 -24.69 -8.50
N GLY C 137 26.38 -25.16 -7.95
CA GLY C 137 27.52 -24.30 -7.67
C GLY C 137 27.50 -23.55 -6.36
N GLU C 138 26.45 -23.74 -5.55
CA GLU C 138 26.34 -23.05 -4.28
C GLU C 138 26.30 -24.00 -3.12
N GLU C 139 27.17 -23.80 -2.12
CA GLU C 139 27.25 -24.61 -0.92
C GLU C 139 25.92 -24.56 -0.19
N PHE C 140 25.37 -25.73 0.16
CA PHE C 140 24.05 -25.79 0.77
C PHE C 140 23.89 -26.87 1.83
N MET C 141 24.85 -27.78 1.94
CA MET C 141 24.73 -28.89 2.86
C MET C 141 26.07 -29.36 3.37
N ASN C 142 26.06 -29.92 4.55
CA ASN C 142 27.24 -30.48 5.17
C ASN C 142 26.83 -31.68 6.00
N PHE C 143 27.78 -32.58 6.26
CA PHE C 143 27.50 -33.71 7.12
C PHE C 143 27.93 -33.32 8.51
N ASP C 144 26.98 -33.31 9.44
CA ASP C 144 27.21 -32.95 10.83
C ASP C 144 27.69 -34.18 11.56
N LEU C 145 28.97 -34.20 11.94
CA LEU C 145 29.55 -35.36 12.62
C LEU C 145 29.10 -35.50 14.08
N LYS C 146 28.60 -34.43 14.70
CA LYS C 146 28.11 -34.48 16.07
C LYS C 146 26.77 -35.20 16.13
N GLN C 147 25.87 -34.88 15.20
CA GLN C 147 24.55 -35.52 15.14
C GLN C 147 24.55 -36.79 14.27
N GLY C 148 25.49 -36.91 13.34
CA GLY C 148 25.57 -38.03 12.42
C GLY C 148 24.52 -37.94 11.34
N THR C 149 24.22 -36.71 10.88
CA THR C 149 23.18 -36.47 9.88
C THR C 149 23.62 -35.38 8.90
N TRP C 150 22.99 -35.36 7.72
CA TRP C 150 23.23 -34.31 6.74
C TRP C 150 22.33 -33.15 7.11
N GLY C 151 22.89 -31.94 7.14
CA GLY C 151 22.12 -30.75 7.49
C GLY C 151 22.48 -29.53 6.67
N GLY C 152 21.61 -28.54 6.73
CA GLY C 152 21.81 -27.29 6.01
C GLY C 152 20.77 -26.26 6.37
N ASP C 153 20.84 -25.10 5.75
CA ASP C 153 19.86 -24.04 5.99
C ASP C 153 18.87 -23.90 4.82
N TRP C 154 18.80 -24.90 3.92
CA TRP C 154 17.97 -24.77 2.72
C TRP C 154 16.98 -25.92 2.54
N PRO C 155 15.84 -25.65 1.88
CA PRO C 155 14.85 -26.72 1.67
C PRO C 155 15.37 -27.90 0.85
N GLU C 156 16.31 -27.65 -0.08
CA GLU C 156 16.90 -28.74 -0.85
C GLU C 156 17.74 -29.63 0.04
N ALA C 157 18.41 -29.06 1.06
CA ALA C 157 19.21 -29.85 1.98
C ALA C 157 18.29 -30.74 2.82
N LEU C 158 17.16 -30.20 3.30
CA LEU C 158 16.19 -31.00 4.08
C LEU C 158 15.68 -32.18 3.25
N ALA C 159 15.37 -31.94 1.97
CA ALA C 159 14.86 -32.97 1.08
C ALA C 159 15.88 -34.08 0.82
N ILE C 160 17.13 -33.70 0.50
CA ILE C 160 18.17 -34.67 0.21
C ILE C 160 18.55 -35.44 1.47
N SER C 161 18.73 -34.74 2.59
CA SER C 161 19.09 -35.35 3.87
C SER C 161 18.09 -36.41 4.30
N GLN C 162 16.79 -36.14 4.13
CA GLN C 162 15.75 -37.09 4.51
C GLN C 162 15.84 -38.36 3.67
N ARG C 163 16.02 -38.20 2.35
CA ARG C 163 16.13 -39.33 1.44
C ARG C 163 17.38 -40.15 1.75
N TRP C 164 18.48 -39.48 2.11
CA TRP C 164 19.73 -40.16 2.45
C TRP C 164 19.66 -40.85 3.80
N GLN C 165 18.94 -40.28 4.75
CA GLN C 165 18.77 -40.89 6.07
C GLN C 165 17.98 -42.20 5.98
N GLN C 166 17.05 -42.32 5.02
CA GLN C 166 16.27 -43.54 4.87
C GLN C 166 16.96 -44.63 4.05
N GLN C 167 18.17 -44.37 3.53
CA GLN C 167 18.93 -45.39 2.82
C GLN C 167 19.69 -46.20 3.86
N ASP C 168 19.48 -47.53 3.89
CA ASP C 168 20.08 -48.43 4.87
C ASP C 168 21.57 -48.22 5.09
N LYS C 169 21.94 -47.89 6.35
CA LYS C 169 23.31 -47.66 6.84
C LYS C 169 24.08 -46.55 6.14
N ALA C 170 23.40 -45.65 5.40
CA ALA C 170 24.09 -44.57 4.71
C ALA C 170 24.77 -43.62 5.69
N ALA C 171 24.06 -43.18 6.75
CA ALA C 171 24.64 -42.30 7.74
C ALA C 171 25.78 -42.97 8.49
N ASN C 172 25.64 -44.28 8.77
CA ASN C 172 26.64 -45.07 9.46
C ASN C 172 27.93 -45.17 8.62
N LYS C 173 27.80 -45.48 7.32
CA LYS C 173 28.93 -45.59 6.41
C LYS C 173 29.58 -44.23 6.16
N GLU C 174 28.79 -43.14 6.19
CA GLU C 174 29.34 -41.80 6.02
C GLU C 174 30.22 -41.43 7.21
N LEU C 175 29.78 -41.77 8.43
CA LEU C 175 30.54 -41.48 9.64
C LEU C 175 31.85 -42.27 9.66
N THR C 176 31.78 -43.56 9.34
CA THR C 176 32.96 -44.42 9.30
C THR C 176 33.96 -43.92 8.27
N PHE C 177 33.47 -43.46 7.11
CA PHE C 177 34.31 -42.97 6.03
C PHE C 177 35.13 -41.77 6.45
N LEU C 178 34.51 -40.80 7.13
CA LEU C 178 35.21 -39.58 7.52
C LEU C 178 36.05 -39.73 8.78
N LEU C 179 35.54 -40.42 9.78
CA LEU C 179 36.21 -40.53 11.07
C LEU C 179 37.27 -41.62 11.17
N PHE C 180 37.16 -42.69 10.36
CA PHE C 180 38.10 -43.79 10.47
C PHE C 180 38.76 -44.18 9.16
N SER C 181 37.97 -44.39 8.10
CA SER C 181 38.50 -44.81 6.82
C SER C 181 39.42 -43.78 6.18
N CYS C 182 39.01 -42.51 6.13
CA CYS C 182 39.84 -41.46 5.55
C CYS C 182 41.19 -41.33 6.25
N PRO C 183 41.27 -41.11 7.59
CA PRO C 183 42.59 -40.97 8.21
C PRO C 183 43.45 -42.24 8.11
N HIS C 184 42.82 -43.42 8.10
CA HIS C 184 43.54 -44.68 7.96
C HIS C 184 44.12 -44.80 6.53
N ARG C 185 43.36 -44.39 5.52
CA ARG C 185 43.84 -44.42 4.13
C ARG C 185 44.91 -43.36 3.91
N LEU C 186 44.74 -42.17 4.51
CA LEU C 186 45.71 -41.10 4.42
C LEU C 186 47.05 -41.52 5.03
N ARG C 187 47.01 -42.16 6.21
CA ARG C 187 48.23 -42.64 6.85
C ARG C 187 48.90 -43.73 6.02
N GLU C 188 48.10 -44.61 5.40
CA GLU C 188 48.61 -45.66 4.54
C GLU C 188 49.34 -45.08 3.31
N HIS C 189 48.75 -44.05 2.68
CA HIS C 189 49.36 -43.42 1.50
C HIS C 189 50.60 -42.61 1.84
N LEU C 190 50.64 -42.02 3.04
CA LEU C 190 51.82 -41.27 3.48
C LEU C 190 52.98 -42.24 3.77
N GLU C 191 52.67 -43.47 4.23
CA GLU C 191 53.70 -44.46 4.53
C GLU C 191 54.18 -45.17 3.26
N ARG C 192 53.25 -45.64 2.42
CA ARG C 192 53.56 -46.42 1.23
C ARG C 192 53.92 -45.60 -0.02
N GLY C 193 53.46 -44.37 -0.09
CA GLY C 193 53.74 -43.51 -1.24
C GLY C 193 54.48 -42.24 -0.86
N ARG C 194 55.30 -42.30 0.21
CA ARG C 194 56.08 -41.17 0.73
C ARG C 194 56.90 -40.50 -0.36
N GLY C 195 57.62 -41.30 -1.15
CA GLY C 195 58.43 -40.82 -2.25
C GLY C 195 57.68 -40.01 -3.28
N ASN C 196 56.44 -40.42 -3.60
CA ASN C 196 55.62 -39.70 -4.57
C ASN C 196 55.21 -38.33 -4.03
N LEU C 197 54.88 -38.27 -2.74
CA LEU C 197 54.46 -37.04 -2.09
C LEU C 197 55.62 -36.06 -1.87
N GLU C 198 56.86 -36.58 -1.76
CA GLU C 198 58.06 -35.75 -1.57
C GLU C 198 58.75 -35.43 -2.91
N TRP C 199 57.96 -35.29 -3.98
CA TRP C 199 58.47 -35.00 -5.30
C TRP C 199 58.85 -33.52 -5.44
N LYS C 200 60.06 -33.20 -5.99
CA LYS C 200 60.52 -31.82 -6.17
C LYS C 200 61.20 -31.60 -7.55
N GLU C 201 60.86 -30.48 -8.23
CA GLU C 201 61.39 -30.11 -9.55
C GLU C 201 61.43 -28.57 -9.65
N PRO C 202 62.62 -27.99 -9.82
CA PRO C 202 62.71 -26.52 -9.88
C PRO C 202 62.18 -25.96 -11.19
N PRO C 203 61.65 -24.72 -11.16
CA PRO C 203 61.10 -24.14 -12.40
C PRO C 203 62.16 -23.64 -13.37
N SER C 204 61.87 -23.74 -14.65
CA SER C 204 62.71 -23.17 -15.70
C SER C 204 62.20 -21.73 -15.84
N MET C 205 63.08 -20.74 -15.68
CA MET C 205 62.67 -19.34 -15.67
C MET C 205 62.97 -18.53 -16.94
N ARG C 206 62.10 -17.55 -17.24
CA ARG C 206 62.26 -16.63 -18.36
C ARG C 206 61.66 -15.26 -18.00
N LEU C 207 62.35 -14.16 -18.34
CA LEU C 207 61.87 -12.80 -18.09
C LEU C 207 61.91 -12.01 -19.40
N LYS C 208 60.76 -11.56 -19.90
CA LYS C 208 60.70 -10.83 -21.18
C LYS C 208 59.83 -9.58 -21.11
N ALA C 209 60.07 -8.60 -21.98
CA ALA C 209 59.30 -7.37 -21.99
C ALA C 209 58.49 -7.17 -23.29
N ARG C 210 57.38 -6.45 -23.21
CA ARG C 210 56.51 -6.14 -24.34
C ARG C 210 56.13 -4.66 -24.30
N PRO C 211 55.89 -4.02 -25.46
CA PRO C 211 55.59 -2.57 -25.49
C PRO C 211 54.44 -2.02 -24.63
N SER C 212 53.17 -2.53 -24.73
CA SER C 212 52.02 -2.06 -23.92
C SER C 212 51.68 -0.54 -24.15
N SER C 213 51.14 0.19 -23.13
CA SER C 213 50.77 1.61 -23.18
C SER C 213 51.89 2.50 -23.78
N PRO C 214 51.55 3.70 -24.30
CA PRO C 214 52.58 4.56 -24.92
C PRO C 214 53.88 4.75 -24.11
N GLY C 215 53.80 5.25 -22.88
CA GLY C 215 54.98 5.46 -22.07
C GLY C 215 55.26 4.34 -21.08
N PHE C 216 54.73 3.16 -21.35
CA PHE C 216 54.89 2.01 -20.46
C PHE C 216 55.20 0.73 -21.20
N SER C 217 55.77 -0.23 -20.48
CA SER C 217 56.06 -1.57 -20.96
C SER C 217 55.56 -2.59 -19.93
N VAL C 218 55.39 -3.84 -20.34
CA VAL C 218 54.96 -4.90 -19.43
C VAL C 218 56.02 -5.97 -19.38
N LEU C 219 56.57 -6.23 -18.19
CA LEU C 219 57.56 -7.27 -18.01
C LEU C 219 56.86 -8.52 -17.50
N THR C 220 57.16 -9.68 -18.08
CA THR C 220 56.55 -10.94 -17.65
C THR C 220 57.61 -11.92 -17.21
N CYS C 221 57.49 -12.39 -15.97
CA CYS C 221 58.38 -13.38 -15.39
C CYS C 221 57.60 -14.70 -15.41
N SER C 222 58.10 -15.70 -16.12
CA SER C 222 57.40 -16.98 -16.25
C SER C 222 58.19 -18.17 -15.70
N ALA C 223 57.50 -19.04 -14.94
CA ALA C 223 58.06 -20.24 -14.33
C ALA C 223 57.42 -21.46 -14.98
N PHE C 224 58.25 -22.34 -15.55
CA PHE C 224 57.78 -23.51 -16.29
C PHE C 224 58.09 -24.83 -15.60
N SER C 225 57.12 -25.77 -15.66
CA SER C 225 57.25 -27.14 -15.17
C SER C 225 57.96 -27.29 -13.81
N PHE C 226 57.26 -26.92 -12.74
CA PHE C 226 57.80 -27.05 -11.39
C PHE C 226 56.87 -27.94 -10.54
N TYR C 227 57.48 -28.82 -9.69
CA TYR C 227 56.79 -29.88 -8.95
C TYR C 227 55.95 -29.36 -7.81
N PRO C 228 56.31 -29.06 -6.50
CA PRO C 228 55.23 -28.55 -5.65
C PRO C 228 54.82 -27.16 -6.09
N PRO C 229 53.49 -26.94 -6.10
CA PRO C 229 52.98 -25.67 -6.63
C PRO C 229 53.38 -24.40 -5.87
N GLU C 230 53.83 -24.51 -4.62
CA GLU C 230 54.23 -23.35 -3.83
C GLU C 230 55.42 -22.65 -4.48
N LEU C 231 55.23 -21.40 -4.89
CA LEU C 231 56.26 -20.63 -5.59
C LEU C 231 56.05 -19.14 -5.37
N GLN C 232 57.14 -18.40 -5.17
CA GLN C 232 57.04 -16.95 -5.00
C GLN C 232 57.85 -16.23 -6.07
N LEU C 233 57.20 -15.34 -6.82
CA LEU C 233 57.86 -14.53 -7.84
C LEU C 233 57.80 -13.09 -7.38
N ARG C 234 58.93 -12.41 -7.35
CA ARG C 234 58.98 -11.01 -6.93
C ARG C 234 59.79 -10.20 -7.93
N PHE C 235 59.45 -8.92 -8.05
CA PHE C 235 60.17 -8.02 -8.95
C PHE C 235 61.07 -7.10 -8.14
N LEU C 236 62.24 -6.79 -8.69
CA LEU C 236 63.18 -5.88 -8.04
C LEU C 236 63.58 -4.81 -9.04
N ARG C 237 63.68 -3.56 -8.57
CA ARG C 237 64.14 -2.45 -9.41
C ARG C 237 65.40 -1.94 -8.77
N ASN C 238 66.55 -2.16 -9.44
CA ASN C 238 67.88 -1.80 -8.93
C ASN C 238 68.15 -2.51 -7.59
N GLY C 239 67.68 -3.74 -7.45
CA GLY C 239 67.86 -4.51 -6.22
C GLY C 239 66.87 -4.22 -5.11
N LEU C 240 66.01 -3.21 -5.29
CA LEU C 240 65.02 -2.84 -4.29
C LEU C 240 63.66 -3.47 -4.61
N ALA C 241 62.90 -3.83 -3.58
CA ALA C 241 61.58 -4.46 -3.72
C ALA C 241 60.63 -3.63 -4.58
N ALA C 242 60.13 -4.23 -5.66
CA ALA C 242 59.19 -3.57 -6.56
C ALA C 242 57.80 -4.25 -6.61
N GLY C 243 57.54 -5.17 -5.66
CA GLY C 243 56.27 -5.87 -5.54
C GLY C 243 56.08 -7.07 -6.47
N THR C 244 54.87 -7.63 -6.44
CA THR C 244 54.49 -8.73 -7.31
C THR C 244 53.33 -8.21 -8.13
N GLY C 245 53.42 -8.36 -9.43
CA GLY C 245 52.38 -7.89 -10.32
C GLY C 245 51.16 -8.78 -10.39
N GLN C 246 50.46 -8.75 -11.53
CA GLN C 246 49.28 -9.56 -11.76
C GLN C 246 49.75 -10.89 -12.31
N GLY C 247 49.36 -11.97 -11.63
CA GLY C 247 49.80 -13.30 -12.04
C GLY C 247 48.72 -14.29 -12.37
N ASP C 248 49.15 -15.39 -12.98
CA ASP C 248 48.32 -16.51 -13.36
C ASP C 248 49.04 -17.80 -12.98
N PHE C 249 48.26 -18.83 -12.72
CA PHE C 249 48.80 -20.10 -12.28
C PHE C 249 47.99 -21.24 -12.89
N GLY C 250 48.66 -22.34 -13.20
CA GLY C 250 47.98 -23.49 -13.78
C GLY C 250 48.81 -24.75 -13.83
N PRO C 251 48.15 -25.88 -14.08
CA PRO C 251 48.88 -27.14 -14.15
C PRO C 251 49.33 -27.53 -15.56
N ASN C 252 50.25 -28.49 -15.63
CA ASN C 252 50.70 -29.11 -16.87
C ASN C 252 50.15 -30.55 -16.87
N SER C 253 50.18 -31.23 -18.02
CA SER C 253 49.64 -32.58 -18.16
C SER C 253 50.24 -33.62 -17.22
N ASP C 254 51.48 -33.42 -16.78
CA ASP C 254 52.14 -34.37 -15.90
C ASP C 254 51.95 -34.12 -14.41
N GLY C 255 51.10 -33.17 -14.04
CA GLY C 255 50.88 -32.84 -12.63
C GLY C 255 51.80 -31.72 -12.12
N SER C 256 52.81 -31.34 -12.91
CA SER C 256 53.68 -30.21 -12.57
C SER C 256 52.88 -28.91 -12.81
N PHE C 257 53.48 -27.74 -12.54
CA PHE C 257 52.79 -26.48 -12.62
C PHE C 257 53.52 -25.42 -13.44
N HIS C 258 52.79 -24.36 -13.79
CA HIS C 258 53.23 -23.23 -14.56
C HIS C 258 52.68 -21.98 -13.87
N ALA C 259 53.47 -20.92 -13.84
CA ALA C 259 53.05 -19.65 -13.27
C ALA C 259 53.69 -18.50 -14.02
N SER C 260 53.03 -17.35 -14.06
CA SER C 260 53.59 -16.16 -14.71
C SER C 260 53.04 -14.91 -14.07
N SER C 261 53.92 -13.96 -13.73
CA SER C 261 53.51 -12.70 -13.15
C SER C 261 54.00 -11.55 -14.03
N SER C 262 53.15 -10.56 -14.25
CA SER C 262 53.50 -9.44 -15.10
C SER C 262 53.43 -8.12 -14.35
N LEU C 263 54.36 -7.22 -14.63
CA LEU C 263 54.43 -5.93 -13.98
C LEU C 263 54.55 -4.80 -14.98
N THR C 264 53.86 -3.70 -14.73
CA THR C 264 53.91 -2.54 -15.62
C THR C 264 55.09 -1.66 -15.19
N VAL C 265 55.95 -1.32 -16.15
CA VAL C 265 57.12 -0.47 -15.90
C VAL C 265 57.17 0.70 -16.87
N LYS C 266 57.93 1.77 -16.54
CA LYS C 266 58.06 2.91 -17.44
C LYS C 266 58.87 2.48 -18.66
N SER C 267 58.43 2.89 -19.87
CA SER C 267 59.12 2.55 -21.12
C SER C 267 60.55 3.08 -21.08
N GLY C 268 61.51 2.22 -21.42
CA GLY C 268 62.93 2.56 -21.37
C GLY C 268 63.60 2.25 -20.04
N ASP C 269 62.82 1.85 -19.02
CA ASP C 269 63.35 1.53 -17.70
C ASP C 269 63.39 0.01 -17.41
N GLU C 270 63.04 -0.84 -18.39
CA GLU C 270 62.98 -2.29 -18.24
C GLU C 270 64.31 -2.91 -17.78
N HIS C 271 65.43 -2.45 -18.33
CA HIS C 271 66.76 -2.96 -18.01
C HIS C 271 67.14 -2.84 -16.52
N HIS C 272 66.42 -2.02 -15.75
CA HIS C 272 66.69 -1.86 -14.32
C HIS C 272 66.01 -2.94 -13.46
N TYR C 273 65.11 -3.74 -14.06
CA TYR C 273 64.35 -4.75 -13.35
C TYR C 273 64.92 -6.15 -13.43
N CYS C 274 64.67 -6.89 -12.37
CA CYS C 274 65.07 -8.26 -12.14
C CYS C 274 63.84 -9.01 -11.59
N CYS C 275 63.85 -10.33 -11.66
CA CYS C 275 62.78 -11.14 -11.11
C CYS C 275 63.41 -12.21 -10.23
N ILE C 276 62.93 -12.38 -9.01
CA ILE C 276 63.47 -13.39 -8.10
C ILE C 276 62.45 -14.48 -7.89
N VAL C 277 62.90 -15.73 -7.98
CA VAL C 277 62.00 -16.86 -7.76
C VAL C 277 62.46 -17.66 -6.56
N GLN C 278 61.50 -18.03 -5.72
CA GLN C 278 61.76 -18.87 -4.57
C GLN C 278 60.90 -20.12 -4.75
N HIS C 279 61.54 -21.30 -4.75
CA HIS C 279 60.85 -22.58 -4.92
C HIS C 279 61.63 -23.67 -4.21
N ALA C 280 60.92 -24.69 -3.66
CA ALA C 280 61.53 -25.80 -2.92
C ALA C 280 62.58 -26.59 -3.69
N GLY C 281 62.48 -26.60 -5.01
CA GLY C 281 63.45 -27.28 -5.86
C GLY C 281 64.78 -26.54 -5.99
N LEU C 282 64.81 -25.27 -5.57
CA LEU C 282 66.00 -24.43 -5.59
C LEU C 282 66.56 -24.31 -4.16
N ALA C 283 67.89 -24.42 -4.02
CA ALA C 283 68.52 -24.31 -2.70
C ALA C 283 68.53 -22.85 -2.23
N GLN C 284 68.69 -21.90 -3.16
CA GLN C 284 68.72 -20.47 -2.85
C GLN C 284 67.84 -19.71 -3.86
N PRO C 285 67.28 -18.55 -3.48
CA PRO C 285 66.45 -17.79 -4.44
C PRO C 285 67.22 -17.46 -5.71
N LEU C 286 66.54 -17.56 -6.85
CA LEU C 286 67.19 -17.36 -8.14
C LEU C 286 66.85 -16.02 -8.78
N ARG C 287 67.89 -15.27 -9.17
CA ARG C 287 67.72 -13.99 -9.86
C ARG C 287 67.61 -14.28 -11.35
N VAL C 288 66.58 -13.76 -12.00
CA VAL C 288 66.31 -13.96 -13.42
C VAL C 288 66.46 -12.64 -14.13
N GLU C 289 67.35 -12.60 -15.13
CA GLU C 289 67.63 -11.39 -15.89
C GLU C 289 66.82 -11.29 -17.17
N LEU C 290 66.59 -10.04 -17.60
CA LEU C 290 65.86 -9.67 -18.82
C LEU C 290 66.80 -9.77 -20.03
N GLU C 291 66.25 -9.87 -21.25
CA GLU C 291 67.06 -9.93 -22.47
C GLU C 291 67.62 -8.53 -22.81
N ILE D 21 24.65 -20.84 -9.39
CA ILE D 21 24.86 -19.76 -10.33
C ILE D 21 25.71 -20.19 -11.54
N GLN D 22 25.79 -19.32 -12.55
CA GLN D 22 26.59 -19.53 -13.74
C GLN D 22 27.83 -18.65 -13.63
N ARG D 23 29.01 -19.24 -13.79
CA ARG D 23 30.27 -18.51 -13.73
C ARG D 23 31.01 -18.65 -15.05
N THR D 24 31.50 -17.54 -15.58
CA THR D 24 32.19 -17.53 -16.86
C THR D 24 33.61 -18.06 -16.73
N PRO D 25 34.10 -18.85 -17.70
CA PRO D 25 35.44 -19.42 -17.57
C PRO D 25 36.59 -18.43 -17.76
N LYS D 26 37.70 -18.72 -17.09
CA LYS D 26 38.95 -17.99 -17.21
C LYS D 26 39.85 -18.89 -18.06
N ILE D 27 40.46 -18.32 -19.11
CA ILE D 27 41.26 -19.09 -20.05
C ILE D 27 42.73 -18.69 -20.03
N GLN D 28 43.62 -19.65 -19.84
CA GLN D 28 45.07 -19.43 -19.85
C GLN D 28 45.70 -20.31 -20.93
N VAL D 29 46.64 -19.75 -21.71
CA VAL D 29 47.32 -20.51 -22.75
C VAL D 29 48.82 -20.37 -22.54
N TYR D 30 49.52 -21.48 -22.37
CA TYR D 30 50.96 -21.48 -22.12
C TYR D 30 51.58 -22.81 -22.52
N SER D 31 52.87 -22.80 -22.81
CA SER D 31 53.57 -24.04 -23.14
C SER D 31 54.07 -24.71 -21.86
N ARG D 32 54.27 -26.01 -21.90
CA ARG D 32 54.75 -26.76 -20.75
C ARG D 32 56.18 -26.36 -20.39
N HIS D 33 57.02 -26.20 -21.41
CA HIS D 33 58.41 -25.78 -21.24
C HIS D 33 58.65 -24.48 -22.03
N PRO D 34 59.72 -23.71 -21.74
CA PRO D 34 59.98 -22.50 -22.54
C PRO D 34 60.02 -22.80 -24.03
N ALA D 35 59.29 -22.00 -24.83
CA ALA D 35 59.19 -22.24 -26.26
C ALA D 35 60.50 -22.04 -27.00
N GLU D 36 60.83 -22.99 -27.87
CA GLU D 36 62.02 -22.92 -28.70
C GLU D 36 61.62 -23.48 -30.06
N ASN D 37 61.72 -22.67 -31.12
CA ASN D 37 61.34 -23.07 -32.47
C ASN D 37 62.09 -24.32 -32.92
N GLY D 38 61.34 -25.30 -33.41
CA GLY D 38 61.90 -26.56 -33.85
C GLY D 38 62.06 -27.61 -32.77
N LYS D 39 61.77 -27.27 -31.51
CA LYS D 39 61.90 -28.23 -30.41
C LYS D 39 60.54 -28.70 -29.96
N SER D 40 60.40 -30.01 -29.69
CA SER D 40 59.14 -30.60 -29.24
C SER D 40 58.74 -30.03 -27.87
N ASN D 41 57.45 -29.84 -27.68
CA ASN D 41 56.89 -29.24 -26.47
C ASN D 41 55.39 -29.58 -26.36
N PHE D 42 54.70 -29.05 -25.35
CA PHE D 42 53.27 -29.24 -25.18
C PHE D 42 52.62 -27.88 -25.06
N LEU D 43 51.46 -27.70 -25.70
CA LEU D 43 50.72 -26.47 -25.62
C LEU D 43 49.50 -26.74 -24.77
N ASN D 44 49.32 -25.94 -23.71
CA ASN D 44 48.22 -26.11 -22.78
C ASN D 44 47.19 -25.00 -22.89
N CYS D 45 45.95 -25.36 -22.62
CA CYS D 45 44.87 -24.41 -22.50
C CYS D 45 44.17 -24.79 -21.22
N TYR D 46 44.38 -23.99 -20.19
CA TYR D 46 43.78 -24.24 -18.89
C TYR D 46 42.54 -23.37 -18.72
N VAL D 47 41.38 -24.02 -18.60
CA VAL D 47 40.11 -23.33 -18.44
C VAL D 47 39.61 -23.57 -17.02
N SER D 48 39.36 -22.49 -16.26
CA SER D 48 38.98 -22.64 -14.86
C SER D 48 37.90 -21.65 -14.42
N GLY D 49 37.33 -21.88 -13.23
CA GLY D 49 36.36 -20.99 -12.63
C GLY D 49 35.01 -20.89 -13.31
N PHE D 50 34.57 -21.96 -13.98
CA PHE D 50 33.30 -21.94 -14.68
C PHE D 50 32.21 -22.80 -14.04
N HIS D 51 30.96 -22.53 -14.37
CA HIS D 51 29.79 -23.26 -13.90
C HIS D 51 28.61 -22.91 -14.81
N PRO D 52 27.83 -23.88 -15.32
CA PRO D 52 27.90 -25.33 -15.10
C PRO D 52 29.12 -26.01 -15.75
N SER D 53 29.28 -27.32 -15.54
CA SER D 53 30.43 -28.09 -16.00
C SER D 53 30.50 -28.34 -17.50
N ASP D 54 29.39 -28.25 -18.21
CA ASP D 54 29.39 -28.48 -19.65
C ASP D 54 30.19 -27.39 -20.36
N ILE D 55 31.27 -27.79 -21.06
CA ILE D 55 32.12 -26.84 -21.76
C ILE D 55 32.71 -27.44 -23.04
N GLU D 56 32.99 -26.61 -24.04
CA GLU D 56 33.59 -27.06 -25.29
C GLU D 56 34.91 -26.33 -25.48
N VAL D 57 36.01 -27.08 -25.68
CA VAL D 57 37.33 -26.48 -25.84
C VAL D 57 38.03 -27.06 -27.08
N ASP D 58 38.67 -26.19 -27.86
CA ASP D 58 39.40 -26.61 -29.05
C ASP D 58 40.71 -25.85 -29.13
N LEU D 59 41.80 -26.52 -29.49
CA LEU D 59 43.09 -25.86 -29.66
C LEU D 59 43.31 -25.62 -31.15
N LEU D 60 43.70 -24.39 -31.54
CA LEU D 60 43.86 -23.98 -32.94
C LEU D 60 45.32 -23.81 -33.36
N LYS D 61 45.65 -24.23 -34.58
CA LYS D 61 46.97 -24.05 -35.19
C LYS D 61 46.74 -23.28 -36.49
N ASN D 62 47.02 -21.97 -36.49
CA ASN D 62 46.79 -21.07 -37.61
C ASN D 62 45.31 -21.04 -38.01
N GLY D 63 44.43 -21.06 -37.01
CA GLY D 63 42.99 -21.05 -37.23
C GLY D 63 42.35 -22.41 -37.43
N GLU D 64 43.15 -23.44 -37.72
CA GLU D 64 42.62 -24.78 -37.95
C GLU D 64 42.54 -25.56 -36.63
N ARG D 65 41.41 -26.26 -36.39
CA ARG D 65 41.26 -27.04 -35.16
C ARG D 65 42.24 -28.22 -35.14
N ILE D 66 42.95 -28.40 -34.02
CA ILE D 66 43.92 -29.48 -33.86
C ILE D 66 43.19 -30.77 -33.54
N GLU D 67 43.53 -31.86 -34.24
CA GLU D 67 42.85 -33.13 -34.04
C GLU D 67 43.32 -33.92 -32.80
N LYS D 68 44.64 -34.08 -32.64
CA LYS D 68 45.20 -34.83 -31.53
C LYS D 68 45.31 -33.99 -30.27
N VAL D 69 44.19 -33.83 -29.57
CA VAL D 69 44.14 -33.03 -28.34
C VAL D 69 43.60 -33.84 -27.18
N GLU D 70 44.37 -33.96 -26.10
CA GLU D 70 43.92 -34.68 -24.90
C GLU D 70 43.51 -33.68 -23.82
N HIS D 71 42.80 -34.18 -22.81
CA HIS D 71 42.38 -33.32 -21.70
C HIS D 71 42.39 -34.06 -20.38
N SER D 72 42.53 -33.30 -19.29
CA SER D 72 42.53 -33.85 -17.94
C SER D 72 41.09 -34.15 -17.49
N ASP D 73 40.92 -34.63 -16.24
CA ASP D 73 39.61 -34.87 -15.69
C ASP D 73 39.00 -33.54 -15.28
N LEU D 74 37.69 -33.44 -15.44
CA LEU D 74 36.93 -32.26 -15.03
C LEU D 74 36.91 -32.29 -13.49
N SER D 75 37.60 -31.34 -12.85
CA SER D 75 37.66 -31.25 -11.39
C SER D 75 37.14 -29.86 -10.93
N PHE D 76 37.09 -29.60 -9.62
CA PHE D 76 36.61 -28.29 -9.15
C PHE D 76 37.41 -27.74 -7.99
N SER D 77 37.36 -26.43 -7.81
CA SER D 77 38.09 -25.71 -6.78
C SER D 77 37.28 -25.58 -5.47
N LYS D 78 37.89 -24.97 -4.43
CA LYS D 78 37.26 -24.75 -3.12
C LYS D 78 35.94 -23.99 -3.23
N ASP D 79 35.83 -23.08 -4.21
CA ASP D 79 34.60 -22.32 -4.43
C ASP D 79 33.56 -23.06 -5.30
N TRP D 80 33.78 -24.36 -5.58
CA TRP D 80 32.93 -25.27 -6.35
C TRP D 80 32.95 -25.05 -7.87
N SER D 81 33.68 -24.03 -8.35
CA SER D 81 33.78 -23.78 -9.78
C SER D 81 34.67 -24.83 -10.44
N PHE D 82 34.31 -25.24 -11.65
CA PHE D 82 35.03 -26.29 -12.38
C PHE D 82 36.31 -25.82 -13.09
N TYR D 83 37.22 -26.76 -13.35
CA TYR D 83 38.45 -26.51 -14.09
C TYR D 83 38.87 -27.72 -14.90
N LEU D 84 39.56 -27.48 -16.00
CA LEU D 84 39.93 -28.50 -16.96
C LEU D 84 41.17 -28.07 -17.74
N LEU D 85 42.05 -29.03 -18.06
CA LEU D 85 43.26 -28.73 -18.83
C LEU D 85 43.23 -29.46 -20.18
N TYR D 86 43.36 -28.72 -21.27
CA TYR D 86 43.48 -29.31 -22.61
C TYR D 86 44.93 -29.15 -23.04
N TYR D 87 45.49 -30.16 -23.71
CA TYR D 87 46.88 -30.11 -24.13
C TYR D 87 47.16 -30.92 -25.38
N THR D 88 48.22 -30.55 -26.10
CA THR D 88 48.63 -31.26 -27.31
C THR D 88 50.14 -31.14 -27.48
N GLU D 89 50.76 -32.18 -28.04
CA GLU D 89 52.18 -32.15 -28.33
C GLU D 89 52.36 -31.35 -29.62
N PHE D 90 53.33 -30.42 -29.63
CA PHE D 90 53.56 -29.57 -30.79
C PHE D 90 55.02 -29.13 -30.90
N THR D 91 55.42 -28.68 -32.08
CA THR D 91 56.74 -28.13 -32.30
C THR D 91 56.55 -26.72 -32.83
N PRO D 92 56.75 -25.70 -31.97
CA PRO D 92 56.55 -24.32 -32.43
C PRO D 92 57.51 -23.89 -33.52
N THR D 93 57.06 -22.96 -34.36
CA THR D 93 57.86 -22.37 -35.42
C THR D 93 57.71 -20.84 -35.35
N GLU D 94 58.53 -20.10 -36.11
CA GLU D 94 58.47 -18.64 -36.11
C GLU D 94 57.14 -18.12 -36.67
N LYS D 95 56.64 -18.76 -37.74
CA LYS D 95 55.42 -18.32 -38.41
C LYS D 95 54.12 -18.90 -37.85
N ASP D 96 54.19 -20.04 -37.15
CA ASP D 96 52.99 -20.68 -36.61
C ASP D 96 52.33 -19.92 -35.46
N GLU D 97 51.01 -19.75 -35.55
CA GLU D 97 50.21 -19.07 -34.55
C GLU D 97 49.27 -20.08 -33.88
N TYR D 98 49.20 -20.05 -32.55
CA TYR D 98 48.34 -20.98 -31.81
C TYR D 98 47.33 -20.24 -30.96
N ALA D 99 46.19 -20.87 -30.68
CA ALA D 99 45.11 -20.26 -29.90
C ALA D 99 44.20 -21.32 -29.26
N CYS D 100 43.39 -20.92 -28.28
CA CYS D 100 42.44 -21.80 -27.64
C CYS D 100 41.04 -21.20 -27.82
N ARG D 101 40.07 -21.99 -28.27
CA ARG D 101 38.69 -21.55 -28.48
C ARG D 101 37.78 -22.27 -27.49
N VAL D 102 37.08 -21.50 -26.65
CA VAL D 102 36.23 -22.04 -25.61
C VAL D 102 34.79 -21.57 -25.77
N ASN D 103 33.83 -22.48 -25.60
CA ASN D 103 32.42 -22.14 -25.65
C ASN D 103 31.75 -22.63 -24.37
N HIS D 104 30.92 -21.78 -23.79
CA HIS D 104 30.22 -22.06 -22.55
C HIS D 104 28.87 -21.32 -22.55
N VAL D 105 27.94 -21.75 -21.71
CA VAL D 105 26.60 -21.16 -21.60
C VAL D 105 26.68 -19.66 -21.31
N THR D 106 27.64 -19.25 -20.48
CA THR D 106 27.86 -17.86 -20.11
C THR D 106 28.44 -16.97 -21.22
N LEU D 107 28.98 -17.58 -22.28
CA LEU D 107 29.61 -16.85 -23.38
C LEU D 107 28.66 -16.67 -24.55
N SER D 108 28.43 -15.42 -24.94
CA SER D 108 27.56 -15.09 -26.08
C SER D 108 28.10 -15.72 -27.38
N GLN D 109 29.42 -15.72 -27.53
CA GLN D 109 30.12 -16.30 -28.66
C GLN D 109 31.38 -16.97 -28.14
N PRO D 110 31.90 -17.99 -28.85
CA PRO D 110 33.13 -18.65 -28.38
C PRO D 110 34.28 -17.66 -28.20
N LYS D 111 34.97 -17.77 -27.06
CA LYS D 111 36.09 -16.89 -26.73
C LYS D 111 37.36 -17.52 -27.23
N ILE D 112 38.14 -16.77 -28.01
CA ILE D 112 39.40 -17.27 -28.55
C ILE D 112 40.55 -16.53 -27.87
N VAL D 113 41.45 -17.28 -27.25
CA VAL D 113 42.61 -16.72 -26.57
C VAL D 113 43.88 -17.15 -27.31
N LYS D 114 44.61 -16.19 -27.89
CA LYS D 114 45.83 -16.52 -28.62
C LYS D 114 46.97 -16.84 -27.68
N TRP D 115 47.86 -17.74 -28.09
CA TRP D 115 49.01 -18.10 -27.28
C TRP D 115 50.05 -16.99 -27.34
N ASP D 116 50.36 -16.40 -26.19
CA ASP D 116 51.40 -15.39 -26.10
C ASP D 116 52.64 -16.12 -25.56
N ARG D 117 53.65 -16.32 -26.41
CA ARG D 117 54.86 -17.07 -26.08
C ARG D 117 55.56 -16.60 -24.81
N ASP D 118 55.44 -15.32 -24.43
CA ASP D 118 56.08 -14.77 -23.24
C ASP D 118 55.51 -15.36 -21.94
N GLY E 16 11.15 24.64 -11.11
CA GLY E 16 10.22 24.21 -10.09
C GLY E 16 8.77 24.31 -10.51
N GLY E 17 8.03 23.22 -10.37
CA GLY E 17 6.62 23.17 -10.72
C GLY E 17 5.70 22.87 -9.54
N PRO E 18 4.77 23.80 -9.23
CA PRO E 18 3.84 23.59 -8.10
C PRO E 18 2.92 22.36 -8.26
N SER E 19 2.70 21.61 -7.17
CA SER E 19 1.86 20.41 -7.24
C SER E 19 0.66 20.47 -6.31
N VAL E 20 -0.45 19.84 -6.72
CA VAL E 20 -1.71 19.83 -5.97
C VAL E 20 -2.09 18.39 -5.59
N PHE E 21 -2.55 18.18 -4.36
CA PHE E 21 -2.96 16.87 -3.87
C PHE E 21 -4.31 16.94 -3.18
N LEU E 22 -5.32 16.26 -3.73
CA LEU E 22 -6.65 16.25 -3.15
C LEU E 22 -6.92 14.96 -2.40
N PHE E 23 -7.15 15.05 -1.09
CA PHE E 23 -7.38 13.90 -0.22
C PHE E 23 -8.84 13.71 0.13
N PRO E 24 -9.32 12.47 0.11
CA PRO E 24 -10.71 12.21 0.50
C PRO E 24 -10.88 12.17 2.03
N PRO E 25 -12.12 12.29 2.53
CA PRO E 25 -12.34 12.26 3.98
C PRO E 25 -12.08 10.89 4.63
N LYS E 26 -11.99 10.85 5.96
CA LYS E 26 -11.76 9.60 6.69
C LYS E 26 -13.00 8.69 6.63
N PRO E 27 -12.82 7.36 6.64
CA PRO E 27 -13.99 6.48 6.56
C PRO E 27 -14.90 6.57 7.77
N LYS E 28 -14.32 6.74 8.96
CA LYS E 28 -15.13 6.87 10.18
C LYS E 28 -15.92 8.18 10.17
N ASP E 29 -15.35 9.25 9.60
CA ASP E 29 -16.01 10.55 9.52
C ASP E 29 -17.25 10.52 8.62
N THR E 30 -17.24 9.67 7.57
CA THR E 30 -18.37 9.58 6.65
C THR E 30 -19.50 8.66 7.12
N LEU E 31 -19.24 7.83 8.11
CA LEU E 31 -20.25 6.92 8.63
C LEU E 31 -20.96 7.42 9.88
N TYR E 32 -20.41 8.45 10.54
CA TYR E 32 -21.00 9.02 11.75
C TYR E 32 -21.36 10.47 11.46
N ILE E 33 -22.65 10.84 11.58
CA ILE E 33 -23.15 12.19 11.36
C ILE E 33 -22.52 13.21 12.31
N THR E 34 -22.31 12.80 13.56
CA THR E 34 -21.67 13.63 14.58
C THR E 34 -20.28 14.08 14.14
N ARG E 35 -19.54 13.21 13.42
CA ARG E 35 -18.22 13.54 12.89
C ARG E 35 -18.36 14.41 11.64
N GLU E 36 -17.34 15.21 11.35
CA GLU E 36 -17.36 16.08 10.19
C GLU E 36 -16.45 15.54 9.08
N PRO E 37 -17.03 15.11 7.95
CA PRO E 37 -16.18 14.62 6.86
C PRO E 37 -15.65 15.77 6.03
N GLU E 38 -14.33 15.78 5.79
CA GLU E 38 -13.71 16.87 5.03
C GLU E 38 -12.85 16.41 3.85
N VAL E 39 -13.03 17.06 2.72
CA VAL E 39 -12.22 16.81 1.53
C VAL E 39 -11.09 17.83 1.61
N THR E 40 -9.85 17.37 1.82
CA THR E 40 -8.69 18.24 2.01
C THR E 40 -7.86 18.49 0.74
N CYS E 41 -7.63 19.77 0.39
CA CYS E 41 -6.80 20.10 -0.78
C CYS E 41 -5.47 20.73 -0.38
N VAL E 42 -4.38 19.97 -0.55
CA VAL E 42 -3.04 20.42 -0.19
C VAL E 42 -2.26 20.94 -1.39
N VAL E 43 -1.76 22.18 -1.33
CA VAL E 43 -0.97 22.75 -2.42
C VAL E 43 0.51 22.88 -2.03
N VAL E 44 1.35 22.00 -2.57
CA VAL E 44 2.78 22.06 -2.32
C VAL E 44 3.53 22.71 -3.51
N ASP E 45 4.84 23.02 -3.32
CA ASP E 45 5.70 23.63 -4.32
C ASP E 45 5.27 25.04 -4.75
N VAL E 46 4.55 25.77 -3.88
CA VAL E 46 4.12 27.12 -4.23
C VAL E 46 5.27 28.10 -4.12
N SER E 47 5.52 28.83 -5.21
CA SER E 47 6.60 29.81 -5.34
C SER E 47 6.58 30.86 -4.23
N HIS E 48 7.77 31.28 -3.81
CA HIS E 48 7.89 32.33 -2.80
C HIS E 48 7.60 33.71 -3.41
N GLU E 49 7.82 33.87 -4.74
CA GLU E 49 7.58 35.11 -5.48
C GLU E 49 6.09 35.50 -5.42
N ASP E 50 5.20 34.49 -5.46
CA ASP E 50 3.74 34.69 -5.41
C ASP E 50 3.11 33.83 -4.30
N PRO E 51 2.85 34.38 -3.09
CA PRO E 51 2.28 33.56 -2.01
C PRO E 51 0.75 33.39 -2.04
N GLU E 52 0.05 34.21 -2.84
CA GLU E 52 -1.42 34.14 -2.94
C GLU E 52 -1.89 32.94 -3.75
N VAL E 53 -2.82 32.15 -3.21
CA VAL E 53 -3.35 30.95 -3.87
C VAL E 53 -4.88 30.98 -3.86
N LYS E 54 -5.51 31.13 -5.03
CA LYS E 54 -6.97 31.18 -5.12
C LYS E 54 -7.57 29.77 -5.17
N PHE E 55 -8.65 29.53 -4.41
CA PHE E 55 -9.30 28.22 -4.39
C PHE E 55 -10.75 28.30 -4.87
N ASN E 56 -11.13 27.40 -5.78
CA ASN E 56 -12.50 27.36 -6.29
C ASN E 56 -13.07 25.96 -6.10
N TRP E 57 -14.11 25.80 -5.26
CA TRP E 57 -14.70 24.49 -5.01
C TRP E 57 -15.94 24.23 -5.83
N TYR E 58 -16.02 23.04 -6.47
CA TYR E 58 -17.17 22.69 -7.29
C TYR E 58 -17.70 21.31 -6.96
N VAL E 59 -18.98 21.21 -6.63
CA VAL E 59 -19.62 19.93 -6.36
C VAL E 59 -20.54 19.64 -7.54
N ASP E 60 -20.18 18.67 -8.38
CA ASP E 60 -20.95 18.33 -9.57
C ASP E 60 -21.10 19.54 -10.52
N GLY E 61 -20.07 20.37 -10.62
CA GLY E 61 -20.08 21.54 -11.47
C GLY E 61 -20.57 22.83 -10.81
N VAL E 62 -21.33 22.70 -9.72
CA VAL E 62 -21.87 23.86 -9.03
C VAL E 62 -20.85 24.43 -8.06
N GLU E 63 -20.51 25.72 -8.17
CA GLU E 63 -19.53 26.32 -7.26
C GLU E 63 -20.10 26.50 -5.86
N VAL E 64 -19.32 26.09 -4.86
CA VAL E 64 -19.69 26.21 -3.45
C VAL E 64 -18.68 27.05 -2.71
N HIS E 65 -19.11 27.70 -1.64
CA HIS E 65 -18.23 28.61 -0.90
C HIS E 65 -18.14 28.32 0.59
N ASN E 66 -18.51 27.12 1.04
CA ASN E 66 -18.41 26.78 2.46
C ASN E 66 -17.07 26.13 2.83
N ALA E 67 -16.01 26.45 2.09
CA ALA E 67 -14.68 25.92 2.36
C ALA E 67 -13.92 26.84 3.31
N LYS E 68 -13.07 26.27 4.18
CA LYS E 68 -12.28 27.06 5.12
C LYS E 68 -10.80 26.90 4.79
N THR E 69 -10.20 27.91 4.16
CA THR E 69 -8.79 27.86 3.76
C THR E 69 -7.82 28.19 4.89
N LYS E 70 -6.98 27.23 5.27
CA LYS E 70 -5.97 27.43 6.30
C LYS E 70 -4.87 28.37 5.77
N PRO E 71 -4.22 29.18 6.63
CA PRO E 71 -3.20 30.11 6.13
C PRO E 71 -1.97 29.48 5.49
N ARG E 72 -1.27 30.26 4.66
CA ARG E 72 -0.07 29.81 3.96
C ARG E 72 1.12 29.65 4.92
N GLU E 73 1.33 28.44 5.43
CA GLU E 73 2.42 28.16 6.35
C GLU E 73 3.71 27.85 5.60
N GLU E 74 4.78 28.60 5.91
CA GLU E 74 6.09 28.41 5.27
C GLU E 74 6.81 27.16 5.71
N GLN E 75 7.09 26.26 4.77
CA GLN E 75 7.81 25.02 5.07
C GLN E 75 9.34 25.24 5.07
N TYR E 76 10.13 24.24 5.50
CA TYR E 76 11.59 24.33 5.54
C TYR E 76 12.19 24.38 4.12
N ASN E 77 11.49 23.82 3.15
CA ASN E 77 11.75 24.01 1.73
C ASN E 77 11.27 25.46 1.46
N SER E 78 11.88 26.20 0.51
CA SER E 78 11.44 27.59 0.25
C SER E 78 10.13 27.67 -0.56
N THR E 79 9.14 26.88 -0.13
CA THR E 79 7.77 26.75 -0.65
C THR E 79 6.81 26.74 0.56
N TYR E 80 5.54 27.07 0.31
CA TYR E 80 4.52 27.09 1.36
C TYR E 80 3.53 25.90 1.21
N ARG E 81 2.77 25.61 2.28
CA ARG E 81 1.77 24.54 2.27
C ARG E 81 0.37 25.14 2.47
N VAL E 82 -0.23 25.66 1.39
CA VAL E 82 -1.55 26.27 1.44
C VAL E 82 -2.62 25.19 1.34
N VAL E 83 -3.29 24.89 2.46
CA VAL E 83 -4.30 23.83 2.51
C VAL E 83 -5.72 24.42 2.53
N SER E 84 -6.65 23.85 1.74
CA SER E 84 -8.04 24.29 1.71
C SER E 84 -8.95 23.11 2.01
N VAL E 85 -9.73 23.19 3.09
CA VAL E 85 -10.61 22.09 3.52
C VAL E 85 -12.09 22.40 3.24
N LEU E 86 -12.87 21.41 2.78
CA LEU E 86 -14.29 21.58 2.52
C LEU E 86 -15.09 20.52 3.25
N THR E 87 -15.97 20.92 4.18
CA THR E 87 -16.80 19.96 4.90
C THR E 87 -17.95 19.56 4.01
N VAL E 88 -18.15 18.25 3.82
CA VAL E 88 -19.17 17.73 2.91
C VAL E 88 -20.32 17.03 3.64
N LEU E 89 -21.47 16.94 2.97
CA LEU E 89 -22.63 16.27 3.54
C LEU E 89 -22.39 14.78 3.54
N HIS E 90 -22.85 14.07 4.58
CA HIS E 90 -22.68 12.63 4.67
C HIS E 90 -23.41 11.91 3.55
N GLN E 91 -24.65 12.33 3.26
CA GLN E 91 -25.43 11.71 2.20
C GLN E 91 -24.94 12.10 0.79
N ASP E 92 -24.22 13.22 0.66
CA ASP E 92 -23.68 13.64 -0.63
C ASP E 92 -22.44 12.81 -0.98
N TRP E 93 -21.56 12.60 0.00
CA TRP E 93 -20.35 11.81 -0.23
C TRP E 93 -20.71 10.35 -0.46
N LEU E 94 -21.64 9.81 0.33
CA LEU E 94 -22.05 8.40 0.16
C LEU E 94 -22.76 8.14 -1.16
N ASN E 95 -23.39 9.16 -1.75
CA ASN E 95 -24.03 9.01 -3.06
C ASN E 95 -23.07 9.28 -4.25
N GLY E 96 -21.76 9.25 -3.99
CA GLY E 96 -20.72 9.43 -4.98
C GLY E 96 -20.70 10.77 -5.70
N LYS E 97 -20.84 11.88 -4.96
CA LYS E 97 -20.78 13.19 -5.61
C LYS E 97 -19.33 13.55 -5.92
N GLU E 98 -19.11 14.23 -7.05
CA GLU E 98 -17.76 14.58 -7.46
C GLU E 98 -17.36 15.95 -6.93
N TYR E 99 -16.28 16.00 -6.16
CA TYR E 99 -15.77 17.23 -5.59
C TYR E 99 -14.49 17.65 -6.31
N LYS E 100 -14.56 18.74 -7.07
CA LYS E 100 -13.40 19.25 -7.81
C LYS E 100 -12.89 20.54 -7.20
N CYS E 101 -11.57 20.64 -7.08
CA CYS E 101 -10.90 21.79 -6.48
C CYS E 101 -9.98 22.49 -7.47
N LYS E 102 -10.31 23.74 -7.86
CA LYS E 102 -9.53 24.50 -8.83
C LYS E 102 -8.61 25.51 -8.16
N VAL E 103 -7.30 25.27 -8.26
CA VAL E 103 -6.26 26.11 -7.67
C VAL E 103 -5.81 27.17 -8.71
N SER E 104 -5.52 28.42 -8.29
CA SER E 104 -5.10 29.48 -9.19
C SER E 104 -3.99 30.38 -8.63
N ASN E 105 -2.85 30.45 -9.33
CA ASN E 105 -1.71 31.28 -8.93
C ASN E 105 -0.97 31.82 -10.17
N LYS E 106 -0.28 32.97 -10.03
CA LYS E 106 0.48 33.60 -11.11
C LYS E 106 1.65 32.73 -11.61
N ALA E 107 2.20 31.88 -10.72
CA ALA E 107 3.28 30.93 -11.03
C ALA E 107 2.78 29.83 -11.96
N LEU E 108 1.54 29.38 -11.77
CA LEU E 108 0.92 28.35 -12.59
C LEU E 108 0.41 28.97 -13.88
N PRO E 109 0.89 28.49 -15.04
CA PRO E 109 0.42 29.07 -16.32
C PRO E 109 -1.07 28.78 -16.57
N ALA E 110 -1.50 27.57 -16.23
CA ALA E 110 -2.88 27.12 -16.35
C ALA E 110 -3.37 26.72 -14.96
N PRO E 111 -4.63 27.02 -14.61
CA PRO E 111 -5.13 26.63 -13.27
C PRO E 111 -5.20 25.11 -13.12
N ILE E 112 -4.56 24.58 -12.06
CA ILE E 112 -4.52 23.14 -11.81
C ILE E 112 -5.86 22.69 -11.21
N GLU E 113 -6.36 21.52 -11.63
CA GLU E 113 -7.65 21.03 -11.14
C GLU E 113 -7.61 19.55 -10.78
N LYS E 114 -8.04 19.23 -9.54
CA LYS E 114 -8.07 17.86 -9.04
C LYS E 114 -9.51 17.44 -8.71
N THR E 115 -9.86 16.15 -8.89
CA THR E 115 -11.22 15.67 -8.62
C THR E 115 -11.22 14.38 -7.78
N ILE E 116 -11.90 14.41 -6.63
CA ILE E 116 -12.03 13.26 -5.73
C ILE E 116 -13.50 12.86 -5.63
N SER E 117 -13.76 11.55 -5.68
CA SER E 117 -15.12 11.01 -5.59
C SER E 117 -15.09 9.64 -4.89
N LYS E 118 -16.23 9.23 -4.34
CA LYS E 118 -16.34 7.92 -3.69
C LYS E 118 -16.10 6.82 -4.71
N ALA E 119 -15.39 5.74 -4.33
CA ALA E 119 -15.08 4.63 -5.23
C ALA E 119 -16.35 4.03 -5.86
N LYS E 120 -16.50 4.20 -7.18
CA LYS E 120 -17.68 3.74 -7.93
C LYS E 120 -17.82 2.23 -7.91
N GLY E 121 -19.04 1.77 -7.70
CA GLY E 121 -19.36 0.35 -7.63
C GLY E 121 -20.40 0.09 -6.56
N GLN E 122 -21.22 -0.96 -6.76
CA GLN E 122 -22.27 -1.27 -5.79
C GLN E 122 -21.68 -1.76 -4.48
N PRO E 123 -22.05 -1.11 -3.37
CA PRO E 123 -21.50 -1.51 -2.07
C PRO E 123 -21.84 -2.94 -1.67
N ARG E 124 -20.92 -3.59 -0.96
CA ARG E 124 -21.13 -4.95 -0.51
C ARG E 124 -21.03 -5.02 0.99
N GLU E 125 -22.04 -5.63 1.64
CA GLU E 125 -22.11 -5.76 3.09
C GLU E 125 -21.05 -6.73 3.56
N PRO E 126 -20.06 -6.24 4.32
CA PRO E 126 -18.99 -7.15 4.80
C PRO E 126 -19.48 -8.11 5.85
N GLN E 127 -18.87 -9.29 5.88
CA GLN E 127 -19.20 -10.31 6.83
C GLN E 127 -18.09 -10.35 7.86
N VAL E 128 -18.45 -10.28 9.16
CA VAL E 128 -17.45 -10.26 10.22
C VAL E 128 -17.41 -11.58 11.00
N TYR E 129 -16.25 -12.23 11.01
CA TYR E 129 -16.06 -13.50 11.71
C TYR E 129 -14.91 -13.42 12.70
N THR E 130 -15.21 -13.66 13.97
CA THR E 130 -14.18 -13.64 15.02
C THR E 130 -13.57 -15.02 15.18
N LEU E 131 -12.26 -15.11 15.13
CA LEU E 131 -11.54 -16.37 15.26
C LEU E 131 -10.69 -16.40 16.53
N PRO E 132 -10.79 -17.47 17.33
CA PRO E 132 -9.99 -17.56 18.56
C PRO E 132 -8.53 -17.93 18.27
N PRO E 133 -7.61 -17.82 19.26
CA PRO E 133 -6.21 -18.18 19.00
C PRO E 133 -6.03 -19.69 18.89
N SER E 134 -5.06 -20.14 18.05
CA SER E 134 -4.77 -21.56 17.83
C SER E 134 -4.27 -22.26 19.10
N ARG E 135 -4.46 -23.59 19.19
CA ARG E 135 -4.00 -24.34 20.37
C ARG E 135 -2.48 -24.28 20.55
N ASP E 136 -1.74 -24.16 19.43
CA ASP E 136 -0.28 -24.05 19.44
C ASP E 136 0.14 -22.76 20.15
N GLU E 137 -0.57 -21.65 19.90
CA GLU E 137 -0.25 -20.37 20.51
C GLU E 137 -0.59 -20.26 21.98
N LEU E 138 -1.47 -21.13 22.49
CA LEU E 138 -1.83 -21.12 23.91
C LEU E 138 -0.65 -21.44 24.85
N THR E 139 0.54 -21.73 24.29
CA THR E 139 1.77 -21.98 25.04
C THR E 139 2.36 -20.61 25.48
N LYS E 140 2.33 -19.62 24.57
CA LYS E 140 2.87 -18.27 24.75
C LYS E 140 2.20 -17.45 25.86
N ASN E 141 2.92 -16.44 26.37
CA ASN E 141 2.41 -15.53 27.40
C ASN E 141 1.35 -14.56 26.85
N GLN E 142 1.30 -14.37 25.52
CA GLN E 142 0.33 -13.50 24.88
C GLN E 142 -0.31 -14.20 23.67
N VAL E 143 -1.65 -14.32 23.69
CA VAL E 143 -2.41 -14.92 22.60
C VAL E 143 -2.94 -13.85 21.63
N SER E 144 -3.27 -14.27 20.41
CA SER E 144 -3.74 -13.35 19.37
C SER E 144 -5.15 -13.66 18.92
N LEU E 145 -6.05 -12.72 19.17
CA LEU E 145 -7.44 -12.83 18.78
C LEU E 145 -7.60 -12.28 17.39
N THR E 146 -7.95 -13.14 16.45
CA THR E 146 -8.09 -12.76 15.05
C THR E 146 -9.52 -12.37 14.69
N CYS E 147 -9.65 -11.43 13.76
CA CYS E 147 -10.95 -11.05 13.24
C CYS E 147 -10.88 -10.94 11.73
N LEU E 148 -11.92 -11.41 11.04
CA LEU E 148 -11.94 -11.41 9.59
C LEU E 148 -13.12 -10.60 9.07
N VAL E 149 -12.84 -9.64 8.19
CA VAL E 149 -13.88 -8.85 7.56
C VAL E 149 -13.79 -9.15 6.07
N LYS E 150 -14.71 -9.94 5.52
CA LYS E 150 -14.63 -10.30 4.09
C LYS E 150 -15.83 -9.84 3.28
N GLY E 151 -15.61 -9.64 1.98
CA GLY E 151 -16.66 -9.27 1.05
C GLY E 151 -17.23 -7.89 1.22
N PHE E 152 -16.40 -6.86 1.07
CA PHE E 152 -16.87 -5.48 1.19
C PHE E 152 -16.44 -4.59 0.02
N TYR E 153 -17.15 -3.49 -0.16
CA TYR E 153 -16.85 -2.51 -1.19
C TYR E 153 -17.55 -1.20 -0.83
N PRO E 154 -16.86 -0.04 -0.86
CA PRO E 154 -15.45 0.17 -1.21
C PRO E 154 -14.48 -0.21 -0.10
N SER E 155 -13.17 -0.08 -0.35
CA SER E 155 -12.12 -0.39 0.62
C SER E 155 -12.15 0.47 1.88
N ASP E 156 -12.86 1.61 1.86
CA ASP E 156 -12.95 2.49 3.02
C ASP E 156 -13.73 1.85 4.15
N ILE E 157 -13.02 1.45 5.20
CA ILE E 157 -13.60 0.80 6.36
C ILE E 157 -12.86 1.20 7.66
N ALA E 158 -13.48 0.94 8.83
CA ALA E 158 -12.88 1.25 10.12
C ALA E 158 -13.09 0.09 11.07
N VAL E 159 -12.01 -0.50 11.60
CA VAL E 159 -12.09 -1.64 12.50
C VAL E 159 -11.41 -1.34 13.83
N GLU E 160 -12.13 -1.53 14.96
CA GLU E 160 -11.61 -1.31 16.31
C GLU E 160 -11.93 -2.49 17.25
N TRP E 161 -11.20 -2.61 18.35
CA TRP E 161 -11.44 -3.67 19.32
C TRP E 161 -11.78 -3.07 20.69
N GLU E 162 -12.61 -3.77 21.47
CA GLU E 162 -12.94 -3.33 22.82
C GLU E 162 -13.26 -4.51 23.74
N SER E 163 -13.01 -4.34 25.05
CA SER E 163 -13.27 -5.39 26.04
C SER E 163 -13.93 -4.82 27.29
N ASN E 164 -15.14 -5.31 27.62
CA ASN E 164 -15.90 -4.87 28.79
C ASN E 164 -16.12 -3.36 28.81
N GLY E 165 -16.49 -2.81 27.66
CA GLY E 165 -16.73 -1.37 27.52
C GLY E 165 -15.48 -0.58 27.21
N GLN E 166 -14.40 -0.82 27.97
CA GLN E 166 -13.12 -0.14 27.79
C GLN E 166 -12.39 -0.71 26.55
N PRO E 167 -12.05 0.16 25.59
CA PRO E 167 -11.40 -0.34 24.37
C PRO E 167 -9.96 -0.81 24.59
N GLU E 168 -9.52 -1.71 23.71
CA GLU E 168 -8.17 -2.26 23.70
C GLU E 168 -7.28 -1.46 22.77
N ASN E 169 -5.99 -1.37 23.11
CA ASN E 169 -5.05 -0.60 22.27
C ASN E 169 -3.99 -1.45 21.59
N ASN E 170 -3.85 -2.72 21.97
CA ASN E 170 -2.85 -3.58 21.37
C ASN E 170 -3.38 -4.34 20.16
N TYR E 171 -3.92 -3.62 19.18
CA TYR E 171 -4.39 -4.22 17.96
C TYR E 171 -3.75 -3.57 16.76
N LYS E 172 -3.47 -4.35 15.72
CA LYS E 172 -2.92 -3.86 14.47
C LYS E 172 -3.79 -4.45 13.35
N THR E 173 -4.36 -3.59 12.50
CA THR E 173 -5.26 -4.04 11.45
C THR E 173 -4.62 -3.98 10.05
N THR E 174 -4.63 -5.12 9.32
CA THR E 174 -4.06 -5.22 7.97
C THR E 174 -4.81 -4.30 7.01
N PRO E 175 -4.14 -3.76 5.98
CA PRO E 175 -4.85 -2.94 5.00
C PRO E 175 -5.84 -3.78 4.18
N PRO E 176 -6.86 -3.16 3.55
CA PRO E 176 -7.81 -3.97 2.76
C PRO E 176 -7.10 -4.61 1.58
N VAL E 177 -7.31 -5.93 1.40
CA VAL E 177 -6.67 -6.71 0.35
C VAL E 177 -7.73 -7.10 -0.69
N LEU E 178 -7.42 -6.94 -2.01
CA LEU E 178 -8.38 -7.29 -3.05
C LEU E 178 -8.61 -8.79 -3.04
N ASP E 179 -9.87 -9.19 -3.07
CA ASP E 179 -10.26 -10.60 -3.02
C ASP E 179 -10.52 -11.17 -4.43
N SER E 180 -10.60 -12.50 -4.52
CA SER E 180 -10.84 -13.24 -5.76
C SER E 180 -12.16 -12.89 -6.44
N ASP E 181 -13.19 -12.52 -5.67
CA ASP E 181 -14.50 -12.21 -6.23
C ASP E 181 -14.74 -10.72 -6.58
N GLY E 182 -13.68 -9.91 -6.53
CA GLY E 182 -13.80 -8.48 -6.82
C GLY E 182 -14.04 -7.61 -5.59
N SER E 183 -14.31 -8.24 -4.45
CA SER E 183 -14.57 -7.60 -3.16
C SER E 183 -13.24 -7.37 -2.38
N PHE E 184 -13.31 -6.97 -1.10
CA PHE E 184 -12.12 -6.79 -0.28
C PHE E 184 -12.18 -7.63 0.99
N PHE E 185 -11.02 -7.93 1.55
CA PHE E 185 -10.96 -8.63 2.83
C PHE E 185 -9.92 -7.95 3.74
N LEU E 186 -10.06 -8.15 5.04
CA LEU E 186 -9.23 -7.47 6.02
C LEU E 186 -9.11 -8.31 7.30
N TYR E 187 -8.03 -8.12 8.05
CA TYR E 187 -7.83 -8.86 9.30
C TYR E 187 -7.42 -7.95 10.45
N SER E 188 -7.96 -8.17 11.65
CA SER E 188 -7.58 -7.39 12.82
C SER E 188 -6.98 -8.34 13.84
N LYS E 189 -5.76 -8.06 14.29
CA LYS E 189 -5.07 -8.92 15.25
C LYS E 189 -4.88 -8.22 16.59
N LEU E 190 -5.64 -8.64 17.60
CA LEU E 190 -5.55 -8.07 18.94
C LEU E 190 -4.68 -8.99 19.80
N THR E 191 -3.60 -8.47 20.37
CA THR E 191 -2.71 -9.27 21.20
C THR E 191 -3.04 -9.15 22.68
N VAL E 192 -3.84 -10.10 23.22
CA VAL E 192 -4.18 -10.09 24.63
C VAL E 192 -3.31 -11.06 25.41
N ASP E 193 -3.17 -10.83 26.72
CA ASP E 193 -2.37 -11.72 27.56
C ASP E 193 -3.10 -13.06 27.70
N LYS E 194 -2.35 -14.17 27.69
CA LYS E 194 -2.91 -15.53 27.79
C LYS E 194 -3.83 -15.68 29.00
N SER E 195 -3.41 -15.15 30.16
CA SER E 195 -4.21 -15.20 31.38
C SER E 195 -5.55 -14.50 31.24
N ARG E 196 -5.60 -13.38 30.50
CA ARG E 196 -6.84 -12.62 30.30
C ARG E 196 -7.85 -13.37 29.44
N TRP E 197 -7.36 -14.13 28.47
CA TRP E 197 -8.23 -14.92 27.61
C TRP E 197 -8.80 -16.09 28.42
N GLN E 198 -7.93 -16.77 29.20
CA GLN E 198 -8.29 -17.91 30.06
C GLN E 198 -9.31 -17.53 31.15
N GLN E 199 -9.33 -16.25 31.56
CA GLN E 199 -10.31 -15.78 32.55
C GLN E 199 -11.74 -15.65 31.99
N GLY E 200 -11.93 -15.84 30.67
CA GLY E 200 -13.23 -15.80 30.01
C GLY E 200 -13.72 -14.44 29.59
N ASN E 201 -12.83 -13.45 29.52
CA ASN E 201 -13.20 -12.10 29.12
C ASN E 201 -13.79 -12.07 27.72
N VAL E 202 -14.83 -11.24 27.52
CA VAL E 202 -15.47 -11.16 26.21
C VAL E 202 -14.89 -10.00 25.43
N PHE E 203 -14.21 -10.31 24.33
CA PHE E 203 -13.60 -9.30 23.47
C PHE E 203 -14.46 -9.16 22.23
N SER E 204 -14.86 -7.92 21.93
CA SER E 204 -15.69 -7.67 20.77
C SER E 204 -14.95 -6.87 19.72
N CYS E 205 -15.23 -7.15 18.46
CA CYS E 205 -14.63 -6.42 17.36
C CYS E 205 -15.70 -5.57 16.72
N SER E 206 -15.54 -4.25 16.80
CA SER E 206 -16.49 -3.34 16.19
C SER E 206 -15.99 -2.92 14.81
N VAL E 207 -16.86 -2.92 13.80
CA VAL E 207 -16.46 -2.53 12.45
C VAL E 207 -17.53 -1.64 11.80
N MET E 208 -17.08 -0.51 11.24
CA MET E 208 -17.97 0.44 10.61
C MET E 208 -17.77 0.45 9.09
N HIS E 209 -18.85 0.22 8.31
CA HIS E 209 -18.80 0.22 6.85
C HIS E 209 -20.16 0.61 6.25
N GLU E 210 -20.12 1.36 5.15
CA GLU E 210 -21.26 1.91 4.41
C GLU E 210 -22.41 0.94 4.14
N ALA E 211 -22.09 -0.27 3.72
CA ALA E 211 -23.11 -1.23 3.34
C ALA E 211 -23.70 -2.10 4.45
N LEU E 212 -23.18 -2.03 5.69
CA LEU E 212 -23.80 -2.83 6.76
C LEU E 212 -24.83 -1.99 7.53
N LYS E 213 -25.91 -2.64 8.01
CA LYS E 213 -27.06 -2.04 8.67
C LYS E 213 -26.66 -1.11 9.80
N PHE E 214 -27.09 0.16 9.74
CA PHE E 214 -26.75 1.22 10.69
C PHE E 214 -25.26 1.59 10.70
N HIS E 215 -24.52 1.21 9.63
CA HIS E 215 -23.07 1.45 9.49
C HIS E 215 -22.22 0.82 10.58
N TYR E 216 -22.81 0.05 11.50
CA TYR E 216 -22.06 -0.52 12.62
C TYR E 216 -22.47 -1.95 12.92
N THR E 217 -21.49 -2.78 13.31
CA THR E 217 -21.70 -4.16 13.72
C THR E 217 -20.56 -4.60 14.62
N GLN E 218 -20.86 -5.44 15.61
CA GLN E 218 -19.82 -5.95 16.51
C GLN E 218 -20.06 -7.41 16.87
N LYS E 219 -19.03 -8.23 16.66
CA LYS E 219 -19.12 -9.65 16.95
C LYS E 219 -18.33 -9.96 18.21
N SER E 220 -18.93 -10.71 19.14
CA SER E 220 -18.27 -11.04 20.39
C SER E 220 -17.45 -12.31 20.28
N LEU E 221 -16.41 -12.40 21.10
CA LEU E 221 -15.50 -13.55 21.08
C LEU E 221 -14.98 -13.84 22.49
N SER E 222 -15.16 -15.07 22.97
CA SER E 222 -14.70 -15.50 24.30
C SER E 222 -14.49 -17.02 24.33
N LEU E 223 -14.00 -17.56 25.46
CA LEU E 223 -13.71 -18.98 25.59
C LEU E 223 -14.95 -19.89 25.62
N SER E 224 -14.92 -20.95 24.80
CA SER E 224 -15.99 -21.93 24.69
C SER E 224 -15.62 -23.22 25.45
N PRO F 18 15.42 11.62 -17.21
CA PRO F 18 15.47 10.14 -17.10
C PRO F 18 15.49 9.64 -15.65
N SER F 19 14.74 8.56 -15.36
CA SER F 19 14.68 8.02 -14.01
C SER F 19 15.12 6.56 -13.94
N VAL F 20 15.70 6.16 -12.80
CA VAL F 20 16.21 4.80 -12.57
C VAL F 20 15.50 4.17 -11.36
N PHE F 21 15.14 2.88 -11.46
CA PHE F 21 14.50 2.18 -10.35
C PHE F 21 15.13 0.80 -10.13
N LEU F 22 15.73 0.59 -8.95
CA LEU F 22 16.39 -0.69 -8.63
C LEU F 22 15.53 -1.57 -7.74
N PHE F 23 15.14 -2.75 -8.24
CA PHE F 23 14.28 -3.68 -7.54
C PHE F 23 15.04 -4.84 -6.93
N PRO F 24 14.68 -5.24 -5.70
CA PRO F 24 15.34 -6.40 -5.09
C PRO F 24 14.77 -7.73 -5.60
N PRO F 25 15.50 -8.85 -5.39
CA PRO F 25 15.00 -10.15 -5.87
C PRO F 25 13.77 -10.65 -5.12
N LYS F 26 13.11 -11.68 -5.67
CA LYS F 26 11.91 -12.26 -5.04
C LYS F 26 12.29 -13.01 -3.76
N PRO F 27 11.43 -13.02 -2.73
CA PRO F 27 11.78 -13.71 -1.48
C PRO F 27 11.93 -15.22 -1.67
N LYS F 28 11.08 -15.83 -2.51
CA LYS F 28 11.18 -17.26 -2.76
C LYS F 28 12.47 -17.61 -3.50
N ASP F 29 12.93 -16.72 -4.39
CA ASP F 29 14.16 -16.93 -5.15
C ASP F 29 15.40 -16.93 -4.25
N THR F 30 15.38 -16.15 -3.15
CA THR F 30 16.54 -16.09 -2.24
C THR F 30 16.57 -17.21 -1.20
N LEU F 31 15.47 -17.94 -1.01
CA LEU F 31 15.37 -19.03 -0.05
C LEU F 31 15.61 -20.41 -0.66
N TYR F 32 15.58 -20.52 -1.99
CA TYR F 32 15.78 -21.79 -2.68
C TYR F 32 16.98 -21.62 -3.61
N ILE F 33 18.04 -22.43 -3.42
CA ILE F 33 19.26 -22.42 -4.23
C ILE F 33 18.97 -22.75 -5.70
N THR F 34 18.03 -23.67 -5.95
CA THR F 34 17.62 -24.05 -7.29
C THR F 34 17.09 -22.84 -8.06
N ARG F 35 16.40 -21.90 -7.38
CA ARG F 35 15.89 -20.68 -8.00
C ARG F 35 17.03 -19.67 -8.17
N GLU F 36 16.91 -18.77 -9.15
CA GLU F 36 17.94 -17.77 -9.39
C GLU F 36 17.48 -16.39 -8.90
N PRO F 37 18.13 -15.84 -7.86
CA PRO F 37 17.73 -14.51 -7.37
C PRO F 37 18.38 -13.43 -8.22
N GLU F 38 17.59 -12.45 -8.70
CA GLU F 38 18.17 -11.38 -9.51
C GLU F 38 17.71 -9.99 -9.13
N VAL F 39 18.69 -9.08 -9.04
CA VAL F 39 18.50 -7.68 -8.71
C VAL F 39 18.22 -6.96 -10.04
N THR F 40 17.01 -6.44 -10.22
CA THR F 40 16.59 -5.83 -11.49
C THR F 40 16.73 -4.30 -11.53
N CYS F 41 17.50 -3.77 -12.48
CA CYS F 41 17.69 -2.33 -12.65
C CYS F 41 16.87 -1.87 -13.86
N VAL F 42 15.84 -1.05 -13.62
CA VAL F 42 14.98 -0.56 -14.71
C VAL F 42 15.28 0.90 -15.01
N VAL F 43 15.45 1.26 -16.30
CA VAL F 43 15.72 2.65 -16.66
C VAL F 43 14.61 3.25 -17.53
N VAL F 44 13.79 4.13 -16.96
CA VAL F 44 12.71 4.79 -17.69
C VAL F 44 13.12 6.24 -18.06
N ASP F 45 12.32 6.93 -18.90
CA ASP F 45 12.53 8.32 -19.35
C ASP F 45 13.78 8.50 -20.21
N VAL F 46 14.28 7.42 -20.84
CA VAL F 46 15.48 7.53 -21.67
C VAL F 46 15.16 8.17 -23.03
N SER F 47 15.85 9.28 -23.33
CA SER F 47 15.64 10.04 -24.56
C SER F 47 15.91 9.22 -25.82
N HIS F 48 15.14 9.52 -26.87
CA HIS F 48 15.28 8.88 -28.18
C HIS F 48 16.54 9.38 -28.90
N GLU F 49 17.04 10.59 -28.56
CA GLU F 49 18.24 11.19 -29.15
C GLU F 49 19.48 10.32 -28.91
N ASP F 50 19.57 9.70 -27.72
CA ASP F 50 20.67 8.79 -27.41
C ASP F 50 20.14 7.48 -26.82
N PRO F 51 20.09 6.42 -27.66
CA PRO F 51 19.54 5.14 -27.18
C PRO F 51 20.49 4.27 -26.37
N GLU F 52 21.79 4.59 -26.38
CA GLU F 52 22.79 3.80 -25.65
C GLU F 52 22.75 4.08 -24.14
N VAL F 53 22.69 3.01 -23.33
CA VAL F 53 22.66 3.12 -21.88
C VAL F 53 23.71 2.22 -21.26
N LYS F 54 24.77 2.79 -20.68
CA LYS F 54 25.85 2.01 -20.08
C LYS F 54 25.50 1.56 -18.66
N PHE F 55 25.76 0.29 -18.33
CA PHE F 55 25.48 -0.23 -16.98
C PHE F 55 26.74 -0.70 -16.28
N ASN F 56 26.93 -0.28 -15.02
CA ASN F 56 28.08 -0.67 -14.22
C ASN F 56 27.61 -1.28 -12.91
N TRP F 57 27.87 -2.58 -12.68
CA TRP F 57 27.43 -3.24 -11.46
C TRP F 57 28.52 -3.33 -10.41
N TYR F 58 28.19 -2.98 -9.16
CA TYR F 58 29.17 -3.02 -8.07
C TYR F 58 28.62 -3.71 -6.84
N VAL F 59 29.32 -4.73 -6.35
CA VAL F 59 28.92 -5.44 -5.13
C VAL F 59 29.93 -5.04 -4.07
N ASP F 60 29.52 -4.22 -3.08
CA ASP F 60 30.42 -3.73 -2.03
C ASP F 60 31.62 -2.98 -2.60
N GLY F 61 31.39 -2.23 -3.67
CA GLY F 61 32.45 -1.45 -4.32
C GLY F 61 33.20 -2.16 -5.42
N VAL F 62 33.18 -3.50 -5.43
CA VAL F 62 33.88 -4.29 -6.43
C VAL F 62 33.04 -4.43 -7.70
N GLU F 63 33.58 -4.03 -8.86
CA GLU F 63 32.83 -4.15 -10.11
C GLU F 63 32.67 -5.58 -10.57
N VAL F 64 31.47 -5.93 -11.05
CA VAL F 64 31.17 -7.27 -11.55
C VAL F 64 30.61 -7.22 -12.98
N HIS F 65 30.94 -8.22 -13.79
CA HIS F 65 30.49 -8.25 -15.19
C HIS F 65 29.52 -9.39 -15.48
N ASN F 66 28.83 -9.91 -14.47
CA ASN F 66 27.91 -11.03 -14.66
C ASN F 66 26.46 -10.64 -15.01
N ALA F 67 26.18 -9.34 -15.15
CA ALA F 67 24.84 -8.86 -15.47
C ALA F 67 24.46 -9.11 -16.93
N LYS F 68 23.17 -9.43 -17.18
CA LYS F 68 22.64 -9.67 -18.53
C LYS F 68 21.61 -8.60 -18.89
N THR F 69 21.94 -7.72 -19.84
CA THR F 69 21.07 -6.59 -20.22
C THR F 69 20.15 -6.82 -21.43
N LYS F 70 18.83 -6.72 -21.19
CA LYS F 70 17.75 -6.85 -22.18
C LYS F 70 17.78 -5.65 -23.15
N PRO F 71 17.37 -5.80 -24.44
CA PRO F 71 17.43 -4.67 -25.37
C PRO F 71 16.53 -3.48 -25.05
N ARG F 72 16.87 -2.31 -25.60
CA ARG F 72 16.13 -1.08 -25.38
C ARG F 72 14.79 -1.08 -26.11
N GLU F 73 13.72 -1.50 -25.43
CA GLU F 73 12.39 -1.54 -26.02
C GLU F 73 11.69 -0.18 -25.89
N GLU F 74 11.33 0.45 -27.02
CA GLU F 74 10.68 1.76 -26.99
C GLU F 74 9.24 1.66 -26.50
N ASN F 77 5.75 5.25 -25.90
CA ASN F 77 6.37 6.29 -25.12
C ASN F 77 7.77 6.66 -25.62
N SER F 78 8.19 7.90 -25.32
CA SER F 78 9.56 8.37 -25.58
C SER F 78 10.55 7.60 -24.68
N THR F 79 10.07 7.07 -23.52
CA THR F 79 10.84 6.30 -22.54
C THR F 79 11.23 4.92 -23.07
N TYR F 80 12.53 4.68 -23.21
CA TYR F 80 13.07 3.40 -23.66
C TYR F 80 13.29 2.57 -22.38
N ARG F 81 12.57 1.45 -22.23
CA ARG F 81 12.70 0.64 -21.01
C ARG F 81 13.92 -0.27 -21.07
N VAL F 82 15.12 0.29 -20.83
CA VAL F 82 16.36 -0.47 -20.84
C VAL F 82 16.55 -1.13 -19.47
N VAL F 83 16.35 -2.46 -19.41
CA VAL F 83 16.45 -3.20 -18.15
C VAL F 83 17.75 -4.01 -18.07
N SER F 84 18.43 -3.97 -16.91
CA SER F 84 19.65 -4.72 -16.67
C SER F 84 19.47 -5.58 -15.42
N VAL F 85 19.53 -6.91 -15.55
CA VAL F 85 19.38 -7.79 -14.40
C VAL F 85 20.71 -8.41 -13.99
N LEU F 86 20.88 -8.69 -12.70
CA LEU F 86 22.11 -9.26 -12.18
C LEU F 86 21.79 -10.42 -11.26
N THR F 87 22.30 -11.62 -11.57
CA THR F 87 22.04 -12.78 -10.72
C THR F 87 23.02 -12.76 -9.56
N VAL F 88 22.50 -12.86 -8.33
CA VAL F 88 23.32 -12.77 -7.12
C VAL F 88 23.41 -14.09 -6.36
N LEU F 89 24.46 -14.24 -5.54
CA LEU F 89 24.63 -15.44 -4.72
C LEU F 89 23.62 -15.43 -3.60
N HIS F 90 23.09 -16.61 -3.25
CA HIS F 90 22.10 -16.71 -2.18
C HIS F 90 22.71 -16.32 -0.85
N GLN F 91 23.93 -16.78 -0.56
CA GLN F 91 24.60 -16.44 0.69
C GLN F 91 25.11 -14.98 0.73
N ASP F 92 25.30 -14.35 -0.43
CA ASP F 92 25.72 -12.95 -0.48
C ASP F 92 24.55 -12.02 -0.19
N TRP F 93 23.37 -12.31 -0.76
CA TRP F 93 22.19 -11.49 -0.52
C TRP F 93 21.72 -11.66 0.92
N LEU F 94 21.72 -12.90 1.44
CA LEU F 94 21.28 -13.14 2.83
C LEU F 94 22.21 -12.52 3.85
N ASN F 95 23.50 -12.30 3.50
CA ASN F 95 24.43 -11.62 4.40
C ASN F 95 24.45 -10.09 4.25
N GLY F 96 23.40 -9.53 3.64
CA GLY F 96 23.22 -8.11 3.46
C GLY F 96 24.27 -7.39 2.62
N LYS F 97 24.67 -7.97 1.48
CA LYS F 97 25.64 -7.29 0.62
C LYS F 97 24.98 -6.16 -0.15
N GLU F 98 25.70 -5.06 -0.36
CA GLU F 98 25.15 -3.91 -1.06
C GLU F 98 25.39 -3.97 -2.55
N TYR F 99 24.32 -3.95 -3.32
CA TYR F 99 24.41 -4.00 -4.78
C TYR F 99 24.06 -2.64 -5.37
N LYS F 100 25.05 -1.98 -5.97
CA LYS F 100 24.86 -0.68 -6.57
C LYS F 100 24.95 -0.75 -8.08
N CYS F 101 24.01 -0.11 -8.79
CA CYS F 101 24.04 -0.07 -10.24
C CYS F 101 24.27 1.36 -10.68
N LYS F 102 25.23 1.56 -11.57
CA LYS F 102 25.56 2.87 -12.10
C LYS F 102 25.18 2.98 -13.57
N VAL F 103 24.18 3.79 -13.88
CA VAL F 103 23.77 4.00 -15.25
C VAL F 103 24.51 5.20 -15.86
N SER F 104 24.73 5.16 -17.17
CA SER F 104 25.45 6.24 -17.85
C SER F 104 24.93 6.51 -19.27
N ASN F 105 24.50 7.76 -19.51
CA ASN F 105 23.99 8.18 -20.82
C ASN F 105 24.33 9.66 -21.08
N LYS F 106 24.45 10.06 -22.37
CA LYS F 106 24.77 11.43 -22.77
C LYS F 106 23.68 12.44 -22.35
N ALA F 107 22.42 11.98 -22.22
CA ALA F 107 21.28 12.80 -21.79
C ALA F 107 21.43 13.15 -20.29
N LEU F 108 21.95 12.22 -19.49
CA LEU F 108 22.17 12.42 -18.06
C LEU F 108 23.45 13.23 -17.86
N PRO F 109 23.37 14.40 -17.21
CA PRO F 109 24.58 15.20 -16.97
C PRO F 109 25.56 14.51 -16.03
N ALA F 110 25.03 13.86 -14.98
CA ALA F 110 25.80 13.10 -14.02
C ALA F 110 25.29 11.66 -14.02
N PRO F 111 26.18 10.66 -13.88
CA PRO F 111 25.71 9.27 -13.90
C PRO F 111 24.84 8.96 -12.68
N ILE F 112 23.60 8.45 -12.91
CA ILE F 112 22.67 8.12 -11.84
C ILE F 112 23.08 6.80 -11.17
N GLU F 113 22.96 6.72 -9.84
CA GLU F 113 23.35 5.53 -9.11
C GLU F 113 22.34 5.14 -8.03
N LYS F 114 21.89 3.87 -8.06
CA LYS F 114 20.94 3.35 -7.10
C LYS F 114 21.56 2.20 -6.30
N THR F 115 21.14 2.02 -5.02
CA THR F 115 21.70 0.95 -4.19
C THR F 115 20.62 0.15 -3.45
N ILE F 116 20.58 -1.18 -3.63
CA ILE F 116 19.62 -2.04 -2.96
C ILE F 116 20.38 -3.05 -2.07
N SER F 117 19.87 -3.28 -0.86
CA SER F 117 20.47 -4.20 0.10
C SER F 117 19.38 -4.88 0.94
N LYS F 118 19.69 -6.02 1.55
CA LYS F 118 18.75 -6.73 2.41
C LYS F 118 18.44 -5.87 3.64
N ALA F 119 17.17 -5.87 4.09
CA ALA F 119 16.74 -5.08 5.24
C ALA F 119 17.56 -5.41 6.50
N LYS F 120 18.36 -4.43 6.97
CA LYS F 120 19.22 -4.58 8.13
C LYS F 120 18.43 -4.81 9.40
N GLY F 121 18.91 -5.76 10.21
CA GLY F 121 18.27 -6.12 11.48
C GLY F 121 18.35 -7.61 11.70
N GLN F 122 18.39 -8.04 12.98
CA GLN F 122 18.48 -9.47 13.29
C GLN F 122 17.22 -10.21 12.92
N PRO F 123 17.34 -11.25 12.09
CA PRO F 123 16.14 -12.00 11.67
C PRO F 123 15.38 -12.65 12.81
N ARG F 124 14.05 -12.74 12.66
CA ARG F 124 13.18 -13.33 13.66
C ARG F 124 12.41 -14.48 13.05
N GLU F 125 12.45 -15.64 13.72
CA GLU F 125 11.77 -16.86 13.28
C GLU F 125 10.28 -16.69 13.39
N PRO F 126 9.55 -16.67 12.28
CA PRO F 126 8.09 -16.50 12.35
C PRO F 126 7.37 -17.72 12.90
N GLN F 127 6.26 -17.50 13.61
CA GLN F 127 5.44 -18.57 14.15
C GLN F 127 4.23 -18.71 13.26
N VAL F 128 3.90 -19.93 12.87
CA VAL F 128 2.78 -20.18 11.96
C VAL F 128 1.61 -20.89 12.67
N TYR F 129 0.43 -20.25 12.69
CA TYR F 129 -0.75 -20.81 13.33
C TYR F 129 -1.91 -20.91 12.35
N THR F 130 -2.44 -22.11 12.15
CA THR F 130 -3.57 -22.33 11.25
C THR F 130 -4.87 -22.21 12.02
N LEU F 131 -5.78 -21.38 11.52
CA LEU F 131 -7.08 -21.15 12.16
C LEU F 131 -8.22 -21.65 11.27
N PRO F 132 -9.15 -22.44 11.84
CA PRO F 132 -10.29 -22.93 11.04
C PRO F 132 -11.36 -21.84 10.81
N PRO F 133 -12.34 -22.06 9.91
CA PRO F 133 -13.37 -21.04 9.69
C PRO F 133 -14.35 -20.96 10.87
N SER F 134 -14.88 -19.75 11.14
CA SER F 134 -15.83 -19.51 12.24
C SER F 134 -17.13 -20.30 12.09
N ARG F 135 -17.82 -20.57 13.20
CA ARG F 135 -19.09 -21.30 13.22
C ARG F 135 -20.22 -20.56 12.48
N ASP F 136 -20.09 -19.24 12.32
CA ASP F 136 -21.04 -18.40 11.61
C ASP F 136 -20.85 -18.57 10.09
N GLU F 137 -19.58 -18.69 9.65
CA GLU F 137 -19.24 -18.86 8.24
C GLU F 137 -19.63 -20.20 7.65
N LEU F 138 -19.81 -21.22 8.50
CA LEU F 138 -20.20 -22.56 8.06
C LEU F 138 -21.60 -22.63 7.41
N THR F 139 -22.31 -21.49 7.32
CA THR F 139 -23.60 -21.37 6.67
C THR F 139 -23.37 -21.26 5.15
N LYS F 140 -22.36 -20.46 4.75
CA LYS F 140 -21.99 -20.18 3.37
C LYS F 140 -21.56 -21.40 2.53
N ASN F 141 -21.65 -21.28 1.21
CA ASN F 141 -21.24 -22.33 0.27
C ASN F 141 -19.70 -22.46 0.21
N GLN F 142 -18.96 -21.42 0.62
CA GLN F 142 -17.51 -21.43 0.63
C GLN F 142 -16.96 -20.90 1.95
N VAL F 143 -16.17 -21.73 2.64
CA VAL F 143 -15.53 -21.39 3.91
C VAL F 143 -14.12 -20.84 3.69
N SER F 144 -13.60 -20.09 4.68
CA SER F 144 -12.30 -19.48 4.59
C SER F 144 -11.34 -20.00 5.65
N LEU F 145 -10.27 -20.65 5.20
CA LEU F 145 -9.25 -21.19 6.07
C LEU F 145 -8.19 -20.14 6.28
N THR F 146 -8.06 -19.67 7.52
CA THR F 146 -7.12 -18.61 7.86
C THR F 146 -5.78 -19.13 8.33
N CYS F 147 -4.71 -18.41 8.02
CA CYS F 147 -3.39 -18.75 8.52
C CYS F 147 -2.71 -17.49 9.03
N LEU F 148 -1.99 -17.61 10.14
CA LEU F 148 -1.33 -16.47 10.75
C LEU F 148 0.17 -16.69 10.83
N VAL F 149 0.95 -15.74 10.31
CA VAL F 149 2.40 -15.80 10.38
C VAL F 149 2.82 -14.59 11.21
N LYS F 150 3.23 -14.79 12.46
CA LYS F 150 3.57 -13.71 13.38
C LYS F 150 5.05 -13.61 13.73
N GLY F 151 5.50 -12.40 14.04
CA GLY F 151 6.85 -12.11 14.49
C GLY F 151 8.02 -12.43 13.57
N PHE F 152 8.04 -11.89 12.35
CA PHE F 152 9.15 -12.15 11.43
C PHE F 152 9.92 -10.91 11.00
N TYR F 153 11.18 -11.09 10.64
CA TYR F 153 12.01 -10.01 10.15
C TYR F 153 13.10 -10.60 9.24
N PRO F 154 13.32 -10.07 8.03
CA PRO F 154 12.64 -8.91 7.40
C PRO F 154 11.24 -9.26 6.85
N SER F 155 10.55 -8.27 6.27
CA SER F 155 9.22 -8.44 5.71
C SER F 155 9.18 -9.40 4.51
N ASP F 156 10.33 -9.71 3.90
CA ASP F 156 10.40 -10.61 2.76
C ASP F 156 10.08 -12.04 3.17
N ILE F 157 8.91 -12.52 2.77
CA ILE F 157 8.44 -13.87 3.09
C ILE F 157 7.59 -14.44 1.93
N ALA F 158 7.38 -15.76 1.92
CA ALA F 158 6.56 -16.38 0.87
C ALA F 158 5.61 -17.38 1.49
N VAL F 159 4.32 -17.20 1.25
CA VAL F 159 3.28 -18.07 1.82
C VAL F 159 2.43 -18.71 0.73
N GLU F 160 2.33 -20.04 0.74
CA GLU F 160 1.53 -20.80 -0.24
C GLU F 160 0.63 -21.83 0.46
N TRP F 161 -0.42 -22.27 -0.24
CA TRP F 161 -1.34 -23.28 0.30
C TRP F 161 -1.35 -24.51 -0.59
N GLU F 162 -1.56 -25.69 0.01
CA GLU F 162 -1.66 -26.93 -0.75
C GLU F 162 -2.55 -27.96 -0.05
N SER F 163 -3.20 -28.84 -0.83
CA SER F 163 -4.09 -29.87 -0.29
C SER F 163 -3.85 -31.22 -0.95
N ASN F 164 -3.47 -32.23 -0.16
CA ASN F 164 -3.20 -33.59 -0.65
C ASN F 164 -2.17 -33.61 -1.78
N GLY F 165 -1.09 -32.87 -1.59
CA GLY F 165 -0.01 -32.79 -2.57
C GLY F 165 -0.23 -31.73 -3.63
N GLN F 166 -1.44 -31.72 -4.22
CA GLN F 166 -1.81 -30.75 -5.25
C GLN F 166 -2.10 -29.38 -4.62
N PRO F 167 -1.39 -28.34 -5.05
CA PRO F 167 -1.59 -27.01 -4.46
C PRO F 167 -2.92 -26.37 -4.80
N GLU F 168 -3.37 -25.47 -3.92
CA GLU F 168 -4.60 -24.71 -4.08
C GLU F 168 -4.30 -23.37 -4.75
N ASN F 169 -5.25 -22.87 -5.57
CA ASN F 169 -5.09 -21.61 -6.29
C ASN F 169 -5.94 -20.46 -5.72
N ASN F 170 -6.98 -20.77 -4.91
CA ASN F 170 -7.87 -19.74 -4.40
C ASN F 170 -7.43 -19.16 -3.05
N TYR F 171 -6.21 -18.64 -2.99
CA TYR F 171 -5.71 -18.02 -1.77
C TYR F 171 -5.18 -16.61 -2.05
N LYS F 172 -5.46 -15.67 -1.15
CA LYS F 172 -4.98 -14.30 -1.27
C LYS F 172 -4.26 -13.98 0.05
N THR F 173 -3.00 -13.56 -0.02
CA THR F 173 -2.21 -13.31 1.19
C THR F 173 -2.02 -11.80 1.45
N THR F 174 -2.39 -11.33 2.66
CA THR F 174 -2.26 -9.93 3.06
C THR F 174 -0.80 -9.50 3.07
N PRO F 175 -0.51 -8.23 2.78
CA PRO F 175 0.89 -7.78 2.86
C PRO F 175 1.42 -7.79 4.29
N PRO F 176 2.76 -7.85 4.49
CA PRO F 176 3.28 -7.86 5.86
C PRO F 176 2.94 -6.55 6.56
N VAL F 177 2.45 -6.64 7.78
CA VAL F 177 2.08 -5.46 8.55
C VAL F 177 2.96 -5.35 9.78
N LEU F 178 3.40 -4.13 10.08
CA LEU F 178 4.29 -3.91 11.21
C LEU F 178 3.57 -4.21 12.51
N ASP F 179 4.21 -4.98 13.38
CA ASP F 179 3.64 -5.40 14.65
C ASP F 179 4.10 -4.49 15.81
N SER F 180 3.43 -4.62 16.97
CA SER F 180 3.70 -3.86 18.18
C SER F 180 5.12 -4.08 18.74
N ASP F 181 5.70 -5.26 18.54
CA ASP F 181 7.02 -5.57 19.06
C ASP F 181 8.18 -5.27 18.11
N GLY F 182 7.92 -4.59 16.99
CA GLY F 182 8.95 -4.29 16.01
C GLY F 182 9.08 -5.30 14.89
N SER F 183 8.41 -6.45 15.03
CA SER F 183 8.39 -7.56 14.08
C SER F 183 7.26 -7.36 13.02
N PHE F 184 6.97 -8.39 12.19
CA PHE F 184 5.91 -8.30 11.21
C PHE F 184 4.90 -9.42 11.39
N PHE F 185 3.68 -9.21 10.91
CA PHE F 185 2.66 -10.25 10.92
C PHE F 185 1.95 -10.28 9.56
N LEU F 186 1.35 -11.43 9.24
CA LEU F 186 0.77 -11.65 7.93
C LEU F 186 -0.37 -12.68 8.01
N TYR F 187 -1.33 -12.61 7.08
CA TYR F 187 -2.44 -13.55 7.05
C TYR F 187 -2.67 -14.15 5.66
N SER F 188 -2.96 -15.45 5.58
CA SER F 188 -3.27 -16.07 4.29
C SER F 188 -4.69 -16.61 4.35
N LYS F 189 -5.53 -16.22 3.40
CA LYS F 189 -6.92 -16.64 3.38
C LYS F 189 -7.22 -17.54 2.17
N LEU F 190 -7.42 -18.83 2.43
CA LEU F 190 -7.71 -19.80 1.38
C LEU F 190 -9.22 -20.03 1.36
N THR F 191 -9.88 -19.80 0.23
CA THR F 191 -11.33 -19.98 0.15
C THR F 191 -11.69 -21.35 -0.43
N VAL F 192 -11.96 -22.33 0.45
CA VAL F 192 -12.35 -23.66 0.00
C VAL F 192 -13.86 -23.84 0.07
N ASP F 193 -14.39 -24.78 -0.72
CA ASP F 193 -15.83 -25.05 -0.71
C ASP F 193 -16.21 -25.71 0.62
N LYS F 194 -17.36 -25.33 1.18
CA LYS F 194 -17.86 -25.85 2.45
C LYS F 194 -17.87 -27.38 2.49
N SER F 195 -18.34 -28.01 1.40
CA SER F 195 -18.39 -29.46 1.30
C SER F 195 -17.01 -30.11 1.39
N ARG F 196 -15.98 -29.47 0.82
CA ARG F 196 -14.61 -29.99 0.84
C ARG F 196 -14.01 -29.97 2.24
N TRP F 197 -14.35 -28.96 3.04
CA TRP F 197 -13.86 -28.86 4.41
C TRP F 197 -14.55 -29.93 5.25
N GLN F 198 -15.88 -30.09 5.08
CA GLN F 198 -16.69 -31.08 5.80
C GLN F 198 -16.26 -32.52 5.51
N GLN F 199 -15.65 -32.76 4.33
CA GLN F 199 -15.17 -34.10 3.98
C GLN F 199 -13.89 -34.51 4.73
N GLY F 200 -13.30 -33.59 5.49
CA GLY F 200 -12.13 -33.84 6.32
C GLY F 200 -10.78 -33.70 5.64
N ASN F 201 -10.76 -33.03 4.47
CA ASN F 201 -9.51 -32.83 3.72
C ASN F 201 -8.49 -32.05 4.55
N VAL F 202 -7.22 -32.44 4.45
CA VAL F 202 -6.16 -31.79 5.19
C VAL F 202 -5.50 -30.72 4.35
N PHE F 203 -5.65 -29.47 4.75
CA PHE F 203 -5.09 -28.34 4.04
C PHE F 203 -3.88 -27.84 4.80
N SER F 204 -2.74 -27.75 4.13
CA SER F 204 -1.52 -27.30 4.77
C SER F 204 -1.07 -25.97 4.24
N CYS F 205 -0.50 -25.14 5.12
CA CYS F 205 0.02 -23.85 4.72
C CYS F 205 1.53 -23.90 4.78
N SER F 206 2.19 -23.76 3.64
CA SER F 206 3.64 -23.79 3.58
C SER F 206 4.14 -22.34 3.61
N VAL F 207 5.06 -22.05 4.57
CA VAL F 207 5.65 -20.73 4.80
C VAL F 207 7.16 -20.83 4.68
N MET F 208 7.78 -19.84 4.02
CA MET F 208 9.23 -19.84 3.88
C MET F 208 9.87 -18.49 4.25
N HIS F 209 10.88 -18.53 5.10
CA HIS F 209 11.56 -17.33 5.59
C HIS F 209 13.01 -17.61 5.95
N GLU F 210 13.84 -16.55 5.94
CA GLU F 210 15.27 -16.60 6.22
C GLU F 210 15.61 -17.14 7.60
N ALA F 211 14.75 -16.88 8.59
CA ALA F 211 15.03 -17.27 9.96
C ALA F 211 14.41 -18.60 10.42
N LEU F 212 13.73 -19.30 9.52
CA LEU F 212 13.16 -20.61 9.85
C LEU F 212 14.22 -21.70 9.70
N LYS F 213 14.04 -22.83 10.42
CA LYS F 213 14.94 -23.98 10.22
C LYS F 213 14.69 -24.55 8.83
N PHE F 214 15.75 -24.62 7.99
CA PHE F 214 15.71 -25.08 6.60
C PHE F 214 14.89 -24.16 5.69
N HIS F 215 14.64 -22.91 6.11
CA HIS F 215 13.84 -21.90 5.38
C HIS F 215 12.40 -22.33 5.11
N TYR F 216 11.95 -23.50 5.59
CA TYR F 216 10.62 -24.00 5.27
C TYR F 216 9.92 -24.62 6.47
N THR F 217 8.60 -24.44 6.54
CA THR F 217 7.72 -25.02 7.57
C THR F 217 6.29 -25.08 7.04
N GLN F 218 5.54 -26.12 7.42
CA GLN F 218 4.16 -26.25 6.99
C GLN F 218 3.27 -26.79 8.12
N LYS F 219 2.19 -26.08 8.40
CA LYS F 219 1.26 -26.49 9.45
C LYS F 219 0.00 -27.05 8.82
N SER F 220 -0.46 -28.21 9.30
CA SER F 220 -1.65 -28.83 8.74
C SER F 220 -2.92 -28.36 9.44
N LEU F 221 -4.05 -28.39 8.72
CA LEU F 221 -5.32 -27.93 9.24
C LEU F 221 -6.46 -28.75 8.65
N SER F 222 -7.30 -29.34 9.51
CA SER F 222 -8.45 -30.14 9.10
C SER F 222 -9.52 -30.17 10.22
N LEU F 223 -10.62 -30.93 10.03
CA LEU F 223 -11.65 -31.02 11.08
C LEU F 223 -11.10 -31.70 12.33
N SER F 224 -11.52 -31.24 13.53
CA SER F 224 -11.05 -31.80 14.80
C SER F 224 -11.68 -33.17 15.09
#